data_4C2W
#
_entry.id   4C2W
#
_cell.length_a   45.922
_cell.length_b   66.656
_cell.length_c   116.903
_cell.angle_alpha   90.00
_cell.angle_beta   96.83
_cell.angle_gamma   90.00
#
_symmetry.space_group_name_H-M   'P 1 21 1'
#
loop_
_entity.id
_entity.type
_entity.pdbx_description
1 polymer 'AURORA KINASE B-A'
2 polymer 'INNER CENTROMERE PROTEIN A'
3 non-polymer 'PHOSPHOAMINOPHOSPHONIC ACID-ADENYLATE ESTER'
4 water water
#
loop_
_entity_poly.entity_id
_entity_poly.type
_entity_poly.pdbx_seq_one_letter_code
_entity_poly.pdbx_strand_id
1 'polypeptide(L)'
;TALAEMPKRKFTIDDFDIGRPLGKGKFGNVYLAREKQNKFIMALKVLFKSQLEKEGVEHQLRREIEIQSHLRHPNILRMY
NYFHDRKRIYLMLEFAPRGELYKELQKHGRFDEQRSATFMEELADALHYCHERKVIHRDIKPENLLMGYKGELKIADFGW
SVHAPSLRRR(TPO)MCGTLDYLPPEMIEGKTHDEKVDLWCAGVLCYEFLVGMPPFDSPSHTETHRRIVNVDLKFPPFLS
DGSKDLISKLLRYHPPQRLPLKGVMEHPWVKANSRRVLPPVYQ
;
A,B
2 'polypeptide(L)' IPIPAWASGNLLTQAIRQQYYKPIDVDRMYGTIDSPKLEELFNKSKPRYFKR C,D
#
# COMPACT_ATOMS: atom_id res chain seq x y z
N PHE A 11 -7.78 12.55 30.00
CA PHE A 11 -8.55 13.78 30.37
C PHE A 11 -9.02 13.83 31.83
N THR A 12 -9.17 15.04 32.38
CA THR A 12 -9.84 15.26 33.68
C THR A 12 -10.78 16.43 33.65
N ILE A 13 -11.64 16.57 34.65
CA ILE A 13 -12.60 17.60 34.68
C ILE A 13 -11.97 19.00 34.64
N ASP A 14 -10.74 19.11 35.11
CA ASP A 14 -10.12 20.41 35.04
C ASP A 14 -9.55 20.78 33.64
N ASP A 15 -9.68 19.92 32.63
CA ASP A 15 -9.39 20.25 31.24
C ASP A 15 -10.53 21.04 30.56
N PHE A 16 -11.62 21.30 31.26
CA PHE A 16 -12.81 21.91 30.68
C PHE A 16 -13.32 23.09 31.45
N ASP A 17 -13.81 24.11 30.78
CA ASP A 17 -14.56 25.16 31.40
C ASP A 17 -15.98 24.70 31.25
N ILE A 18 -16.71 24.64 32.37
CA ILE A 18 -18.09 24.28 32.36
C ILE A 18 -18.90 25.49 32.14
N GLY A 19 -19.75 25.40 31.14
CA GLY A 19 -20.60 26.52 30.73
C GLY A 19 -21.91 26.65 31.43
N ARG A 20 -22.77 25.68 31.24
CA ARG A 20 -24.13 25.65 31.79
C ARG A 20 -24.71 24.26 31.60
N PRO A 21 -25.68 23.83 32.43
CA PRO A 21 -26.45 22.60 32.20
C PRO A 21 -27.24 22.62 30.87
N LEU A 22 -27.21 21.52 30.13
CA LEU A 22 -28.02 21.31 28.91
C LEU A 22 -29.21 20.45 29.23
N GLY A 23 -29.09 19.60 30.23
CA GLY A 23 -30.21 18.78 30.61
C GLY A 23 -29.83 17.87 31.75
N LYS A 24 -30.85 17.25 32.32
CA LYS A 24 -30.75 16.34 33.47
C LYS A 24 -30.94 15.03 32.85
N GLY A 25 -29.95 14.16 33.02
CA GLY A 25 -30.13 12.76 32.69
C GLY A 25 -30.55 11.99 33.94
N LYS A 26 -30.73 10.68 33.79
CA LYS A 26 -31.09 9.83 34.90
C LYS A 26 -29.96 9.73 35.92
N PHE A 27 -28.72 9.76 35.44
CA PHE A 27 -27.58 9.52 36.33
C PHE A 27 -26.73 10.72 36.57
N GLY A 28 -27.16 11.89 36.11
CA GLY A 28 -26.37 13.10 36.26
C GLY A 28 -26.68 14.05 35.12
N ASN A 29 -26.00 15.15 35.12
CA ASN A 29 -26.39 16.15 34.21
C ASN A 29 -25.51 16.11 32.99
N VAL A 30 -25.99 16.76 31.94
CA VAL A 30 -25.18 17.04 30.76
C VAL A 30 -24.91 18.56 30.72
N TYR A 31 -23.64 18.91 30.55
CA TYR A 31 -23.20 20.22 30.53
C TYR A 31 -22.64 20.67 29.21
N LEU A 32 -22.94 21.90 28.86
CA LEU A 32 -22.15 22.55 27.81
C LEU A 32 -20.77 22.86 28.31
N ALA A 33 -19.74 22.42 27.65
CA ALA A 33 -18.42 22.60 28.15
C ALA A 33 -17.49 22.96 27.03
N ARG A 34 -16.36 23.55 27.40
CA ARG A 34 -15.36 23.95 26.43
C ARG A 34 -14.04 23.34 26.87
N GLU A 35 -13.41 22.53 26.04
CA GLU A 35 -12.13 21.96 26.34
C GLU A 35 -11.07 23.08 26.26
N LYS A 36 -10.38 23.31 27.37
CA LYS A 36 -9.51 24.47 27.56
C LYS A 36 -8.42 24.64 26.50
N GLN A 37 -7.71 23.57 26.16
CA GLN A 37 -6.54 23.73 25.36
C GLN A 37 -6.88 24.13 23.88
N ASN A 38 -7.91 23.52 23.28
CA ASN A 38 -8.35 23.88 21.92
C ASN A 38 -9.59 24.82 21.89
N LYS A 39 -10.12 25.27 23.03
CA LYS A 39 -11.35 26.03 23.07
C LYS A 39 -12.47 25.37 22.25
N PHE A 40 -12.57 24.06 22.36
CA PHE A 40 -13.52 23.29 21.53
C PHE A 40 -14.70 22.99 22.39
N ILE A 41 -15.88 23.38 21.89
CA ILE A 41 -17.18 23.26 22.56
C ILE A 41 -17.76 21.89 22.32
N MET A 42 -18.18 21.26 23.43
CA MET A 42 -18.67 19.88 23.41
C MET A 42 -19.73 19.80 24.53
N ALA A 43 -20.37 18.66 24.70
CA ALA A 43 -21.23 18.35 25.80
C ALA A 43 -20.49 17.31 26.67
N LEU A 44 -20.56 17.51 27.98
CA LEU A 44 -20.01 16.57 28.92
C LEU A 44 -21.14 15.92 29.71
N LYS A 45 -21.32 14.61 29.56
CA LYS A 45 -22.34 13.90 30.24
C LYS A 45 -21.73 13.24 31.49
N VAL A 46 -22.30 13.56 32.63
CA VAL A 46 -21.80 13.18 33.93
C VAL A 46 -22.65 12.12 34.51
N LEU A 47 -22.01 11.04 34.87
CA LEU A 47 -22.76 9.90 35.44
C LEU A 47 -22.15 9.54 36.80
N PHE A 48 -23.01 9.43 37.83
CA PHE A 48 -22.53 9.04 39.21
C PHE A 48 -22.36 7.54 39.32
N LYS A 49 -21.14 7.12 39.63
CA LYS A 49 -20.84 5.74 39.78
C LYS A 49 -21.73 4.98 40.77
N SER A 50 -22.02 5.56 41.94
N SER A 50 -22.02 5.57 41.92
CA SER A 50 -22.82 4.85 42.98
CA SER A 50 -22.79 4.87 42.94
C SER A 50 -24.27 4.62 42.55
C SER A 50 -24.22 4.59 42.46
N GLN A 51 -24.81 5.60 41.84
CA GLN A 51 -26.15 5.45 41.28
C GLN A 51 -26.20 4.39 40.20
N LEU A 52 -25.20 4.38 39.33
CA LEU A 52 -25.09 3.34 38.29
C LEU A 52 -25.02 1.96 38.92
N GLU A 53 -24.22 1.80 39.97
CA GLU A 53 -24.04 0.50 40.58
C GLU A 53 -25.33 0.10 41.32
N LYS A 54 -25.98 1.04 41.98
CA LYS A 54 -27.20 0.75 42.72
C LYS A 54 -28.28 0.20 41.83
N GLU A 55 -28.39 0.82 40.64
CA GLU A 55 -29.37 0.46 39.63
C GLU A 55 -29.03 -0.79 38.85
N GLY A 56 -27.82 -1.33 39.09
CA GLY A 56 -27.23 -2.42 38.32
C GLY A 56 -26.99 -2.27 36.82
N VAL A 57 -26.66 -1.06 36.40
CA VAL A 57 -26.55 -0.77 34.95
C VAL A 57 -25.11 -0.75 34.40
N GLU A 58 -24.15 -1.22 35.18
CA GLU A 58 -22.77 -1.19 34.74
C GLU A 58 -22.53 -1.85 33.41
N HIS A 59 -23.03 -3.08 33.24
CA HIS A 59 -22.78 -3.79 32.00
C HIS A 59 -23.48 -3.16 30.81
N GLN A 60 -24.65 -2.61 31.04
CA GLN A 60 -25.41 -1.95 30.01
C GLN A 60 -24.67 -0.68 29.57
N LEU A 61 -24.14 0.06 30.53
CA LEU A 61 -23.40 1.24 30.22
C LEU A 61 -22.15 0.91 29.46
N ARG A 62 -21.40 -0.08 29.91
CA ARG A 62 -20.22 -0.47 29.17
C ARG A 62 -20.53 -0.80 27.72
N ARG A 63 -21.61 -1.52 27.49
CA ARG A 63 -21.92 -1.96 26.11
C ARG A 63 -22.26 -0.68 25.29
N GLU A 64 -23.05 0.23 25.85
CA GLU A 64 -23.46 1.45 25.12
C GLU A 64 -22.24 2.27 24.76
N ILE A 65 -21.28 2.41 25.68
CA ILE A 65 -20.10 3.17 25.38
C ILE A 65 -19.27 2.43 24.31
N GLU A 66 -19.12 1.12 24.42
CA GLU A 66 -18.33 0.34 23.50
C GLU A 66 -18.87 0.55 22.09
N ILE A 67 -20.18 0.57 21.98
CA ILE A 67 -20.82 0.78 20.63
C ILE A 67 -20.66 2.24 20.16
N GLN A 68 -21.08 3.24 20.91
CA GLN A 68 -21.06 4.59 20.45
C GLN A 68 -19.66 5.14 20.21
N SER A 69 -18.72 4.71 21.03
CA SER A 69 -17.38 5.27 20.95
C SER A 69 -16.59 4.84 19.72
N HIS A 70 -17.08 3.82 19.03
CA HIS A 70 -16.41 3.27 17.82
C HIS A 70 -17.20 3.63 16.55
N LEU A 71 -18.25 4.49 16.63
CA LEU A 71 -18.92 4.89 15.43
C LEU A 71 -18.52 6.30 15.07
N ARG A 72 -18.23 6.49 13.80
CA ARG A 72 -17.87 7.77 13.20
C ARG A 72 -18.62 8.07 11.94
N HIS A 73 -19.71 8.80 12.10
CA HIS A 73 -20.60 9.18 10.98
C HIS A 73 -21.21 10.57 11.25
N PRO A 74 -21.44 11.41 10.20
CA PRO A 74 -21.97 12.75 10.42
C PRO A 74 -23.36 12.81 11.05
N ASN A 75 -24.10 11.71 10.93
CA ASN A 75 -25.42 11.63 11.51
C ASN A 75 -25.55 10.75 12.72
N ILE A 76 -24.39 10.47 13.36
CA ILE A 76 -24.38 9.72 14.62
C ILE A 76 -23.64 10.63 15.59
N LEU A 77 -24.25 10.88 16.73
CA LEU A 77 -23.60 11.77 17.72
C LEU A 77 -22.25 11.17 18.17
N ARG A 78 -21.16 11.91 17.99
CA ARG A 78 -19.81 11.37 18.24
C ARG A 78 -19.50 11.34 19.74
N MET A 79 -18.82 10.29 20.21
CA MET A 79 -18.28 10.31 21.55
C MET A 79 -16.84 10.39 21.35
N TYR A 80 -16.27 11.53 21.69
CA TYR A 80 -14.89 11.82 21.42
C TYR A 80 -13.92 11.00 22.29
N ASN A 81 -14.26 10.82 23.56
CA ASN A 81 -13.46 10.10 24.56
C ASN A 81 -14.30 10.06 25.85
N TYR A 82 -13.70 9.59 26.95
CA TYR A 82 -14.38 9.47 28.22
C TYR A 82 -13.27 9.36 29.28
N PHE A 83 -13.65 9.59 30.52
CA PHE A 83 -12.73 9.52 31.67
C PHE A 83 -13.55 9.38 32.92
N HIS A 84 -12.86 9.14 34.06
CA HIS A 84 -13.58 9.03 35.29
C HIS A 84 -12.76 9.59 36.42
N ASP A 85 -13.47 9.98 37.46
CA ASP A 85 -12.81 10.39 38.71
C ASP A 85 -13.32 9.58 39.89
N ARG A 86 -13.11 10.05 41.13
CA ARG A 86 -13.51 9.18 42.23
C ARG A 86 -15.02 8.86 42.26
N LYS A 87 -15.88 9.76 41.83
CA LYS A 87 -17.30 9.57 41.97
C LYS A 87 -18.08 9.55 40.65
N ARG A 88 -17.48 10.02 39.59
CA ARG A 88 -18.20 10.25 38.32
C ARG A 88 -17.51 9.63 37.10
N ILE A 89 -18.32 9.17 36.15
CA ILE A 89 -17.88 8.86 34.80
C ILE A 89 -18.34 10.00 33.86
N TYR A 90 -17.45 10.41 33.01
CA TYR A 90 -17.68 11.58 32.17
C TYR A 90 -17.59 11.14 30.69
N LEU A 91 -18.65 11.36 29.89
CA LEU A 91 -18.59 11.13 28.47
C LEU A 91 -18.46 12.40 27.67
N MET A 92 -17.46 12.48 26.81
CA MET A 92 -17.19 13.66 26.01
C MET A 92 -17.92 13.50 24.65
N LEU A 93 -18.99 14.22 24.51
CA LEU A 93 -19.92 14.05 23.35
C LEU A 93 -19.89 15.29 22.47
N GLU A 94 -20.17 15.05 21.20
CA GLU A 94 -20.47 16.11 20.28
C GLU A 94 -21.62 16.93 20.77
N PHE A 95 -21.48 18.26 20.77
CA PHE A 95 -22.60 19.13 21.09
C PHE A 95 -23.55 19.28 19.89
N ALA A 96 -24.82 19.08 20.13
CA ALA A 96 -25.89 19.24 19.12
C ALA A 96 -26.58 20.56 19.35
N PRO A 97 -26.13 21.62 18.60
CA PRO A 97 -26.64 22.94 18.97
C PRO A 97 -28.11 23.23 18.77
N ARG A 98 -28.78 22.49 17.89
CA ARG A 98 -30.22 22.66 17.77
C ARG A 98 -31.07 21.74 18.68
N GLY A 99 -30.40 20.95 19.49
CA GLY A 99 -31.07 20.23 20.58
C GLY A 99 -31.94 19.03 20.15
N GLU A 100 -32.97 18.77 20.91
CA GLU A 100 -33.77 17.56 20.79
C GLU A 100 -34.73 17.67 19.59
N LEU A 101 -34.69 16.65 18.72
CA LEU A 101 -35.64 16.52 17.65
C LEU A 101 -37.07 16.49 18.13
N TYR A 102 -37.33 15.79 19.23
CA TYR A 102 -38.72 15.64 19.66
C TYR A 102 -39.34 17.00 19.97
N LYS A 103 -38.53 17.89 20.51
CA LYS A 103 -39.02 19.25 20.87
C LYS A 103 -39.44 20.01 19.66
N GLU A 104 -38.67 19.92 18.56
CA GLU A 104 -39.00 20.52 17.31
C GLU A 104 -40.26 19.96 16.72
N LEU A 105 -40.41 18.64 16.73
CA LEU A 105 -41.64 18.03 16.19
C LEU A 105 -42.88 18.48 17.02
N GLN A 106 -42.74 18.51 18.34
CA GLN A 106 -43.84 18.94 19.23
C GLN A 106 -44.20 20.39 18.95
N LYS A 107 -43.20 21.23 18.79
CA LYS A 107 -43.41 22.66 18.52
C LYS A 107 -44.15 22.90 17.22
N HIS A 108 -43.80 22.15 16.16
CA HIS A 108 -44.39 22.30 14.83
C HIS A 108 -45.62 21.47 14.55
N GLY A 109 -45.82 20.43 15.35
CA GLY A 109 -46.88 19.45 15.24
C GLY A 109 -46.55 18.32 14.23
N ARG A 110 -46.15 18.75 13.04
CA ARG A 110 -45.63 17.87 12.00
C ARG A 110 -44.62 18.59 11.15
N PHE A 111 -43.74 17.83 10.55
CA PHE A 111 -42.75 18.34 9.63
C PHE A 111 -43.27 18.25 8.21
N ASP A 112 -42.82 19.21 7.40
CA ASP A 112 -43.11 19.17 5.98
C ASP A 112 -42.31 18.12 5.26
N GLU A 113 -42.58 17.94 4.00
CA GLU A 113 -41.97 16.86 3.26
C GLU A 113 -40.48 17.03 3.13
N GLN A 114 -40.05 18.25 2.87
CA GLN A 114 -38.60 18.54 2.78
C GLN A 114 -37.80 18.20 4.03
N ARG A 115 -38.31 18.65 5.18
CA ARG A 115 -37.65 18.34 6.42
C ARG A 115 -37.67 16.84 6.69
N SER A 116 -38.81 16.21 6.46
CA SER A 116 -38.95 14.77 6.71
C SER A 116 -38.04 13.92 5.81
N ALA A 117 -38.01 14.24 4.52
CA ALA A 117 -37.20 13.48 3.59
C ALA A 117 -35.75 13.62 3.91
N THR A 118 -35.37 14.86 4.28
CA THR A 118 -33.96 15.12 4.68
C THR A 118 -33.54 14.26 5.88
N PHE A 119 -34.42 14.23 6.88
CA PHE A 119 -34.13 13.41 8.08
C PHE A 119 -34.07 11.93 7.72
N MET A 120 -34.94 11.47 6.81
CA MET A 120 -34.94 10.12 6.38
C MET A 120 -33.72 9.71 5.66
N GLU A 121 -33.17 10.59 4.81
CA GLU A 121 -31.96 10.25 4.13
C GLU A 121 -30.77 10.12 5.14
N GLU A 122 -30.69 11.05 6.07
CA GLU A 122 -29.64 11.06 7.10
C GLU A 122 -29.74 9.83 8.01
N LEU A 123 -30.95 9.52 8.43
CA LEU A 123 -31.19 8.35 9.21
C LEU A 123 -30.73 7.09 8.50
N ALA A 124 -31.21 6.90 7.27
CA ALA A 124 -30.89 5.69 6.54
C ALA A 124 -29.42 5.54 6.29
N ASP A 125 -28.73 6.65 6.07
CA ASP A 125 -27.26 6.64 5.91
C ASP A 125 -26.56 6.22 7.22
N ALA A 126 -26.99 6.80 8.35
CA ALA A 126 -26.42 6.42 9.65
C ALA A 126 -26.71 4.98 9.97
N LEU A 127 -27.94 4.52 9.71
CA LEU A 127 -28.31 3.16 10.01
C LEU A 127 -27.57 2.14 9.11
N HIS A 128 -27.32 2.54 7.87
CA HIS A 128 -26.59 1.70 6.94
C HIS A 128 -25.12 1.54 7.45
N TYR A 129 -24.55 2.63 7.94
CA TYR A 129 -23.23 2.62 8.55
C TYR A 129 -23.22 1.62 9.72
N CYS A 130 -24.25 1.71 10.54
CA CYS A 130 -24.40 0.77 11.65
C CYS A 130 -24.49 -0.69 11.21
N HIS A 131 -25.36 -0.94 10.25
CA HIS A 131 -25.62 -2.30 9.83
C HIS A 131 -24.39 -2.92 9.11
N GLU A 132 -23.60 -2.10 8.43
CA GLU A 132 -22.38 -2.58 7.76
C GLU A 132 -21.40 -3.12 8.81
N ARG A 133 -21.58 -2.72 10.06
CA ARG A 133 -20.78 -3.14 11.24
C ARG A 133 -21.50 -4.12 12.17
N LYS A 134 -22.65 -4.57 11.70
CA LYS A 134 -23.54 -5.50 12.41
C LYS A 134 -24.01 -4.95 13.77
N VAL A 135 -24.16 -3.65 13.84
CA VAL A 135 -24.81 -2.97 14.93
C VAL A 135 -26.26 -2.75 14.59
N ILE A 136 -27.13 -3.20 15.46
CA ILE A 136 -28.61 -2.92 15.33
C ILE A 136 -28.91 -1.86 16.38
N HIS A 137 -29.67 -0.85 15.99
CA HIS A 137 -29.99 0.23 16.89
C HIS A 137 -31.10 -0.08 17.87
N ARG A 138 -32.23 -0.52 17.33
CA ARG A 138 -33.36 -1.05 18.09
C ARG A 138 -34.21 -0.08 18.85
N ASP A 139 -33.94 1.23 18.73
CA ASP A 139 -34.85 2.16 19.36
C ASP A 139 -34.89 3.49 18.66
N ILE A 140 -35.04 3.43 17.35
CA ILE A 140 -35.22 4.66 16.63
C ILE A 140 -36.61 5.25 16.91
N LYS A 141 -36.60 6.51 17.31
CA LYS A 141 -37.78 7.32 17.59
C LYS A 141 -37.30 8.76 17.70
N PRO A 142 -38.22 9.72 17.63
CA PRO A 142 -37.72 11.10 17.68
C PRO A 142 -36.93 11.52 18.92
N GLU A 143 -37.32 11.01 20.10
CA GLU A 143 -36.70 11.31 21.35
C GLU A 143 -35.22 10.85 21.41
N ASN A 144 -34.79 9.97 20.52
CA ASN A 144 -33.42 9.46 20.52
C ASN A 144 -32.51 10.16 19.51
N LEU A 145 -33.04 11.26 18.93
CA LEU A 145 -32.38 12.03 17.89
C LEU A 145 -32.16 13.48 18.34
N LEU A 146 -30.95 13.96 18.08
CA LEU A 146 -30.58 15.38 18.29
C LEU A 146 -30.34 16.03 16.95
N MET A 147 -30.09 17.35 16.96
CA MET A 147 -29.95 18.10 15.72
C MET A 147 -28.71 18.98 15.76
N GLY A 148 -28.00 18.92 14.64
CA GLY A 148 -26.77 19.67 14.42
C GLY A 148 -27.03 21.15 14.10
N TYR A 149 -25.91 21.82 13.83
CA TYR A 149 -25.95 23.29 13.57
C TYR A 149 -26.81 23.68 12.38
N LYS A 150 -26.81 22.83 11.36
CA LYS A 150 -27.63 23.04 10.17
C LYS A 150 -28.90 22.13 10.20
N GLY A 151 -29.24 21.63 11.36
CA GLY A 151 -30.42 20.83 11.61
C GLY A 151 -30.22 19.38 11.22
N GLU A 152 -28.97 18.96 11.06
CA GLU A 152 -28.68 17.59 10.67
C GLU A 152 -29.12 16.63 11.78
N LEU A 153 -29.78 15.55 11.40
CA LEU A 153 -30.06 14.50 12.34
C LEU A 153 -28.80 13.89 12.92
N LYS A 154 -28.91 13.57 14.22
CA LYS A 154 -27.84 12.94 14.96
C LYS A 154 -28.46 11.82 15.80
N ILE A 155 -28.11 10.58 15.54
CA ILE A 155 -28.57 9.50 16.42
C ILE A 155 -27.78 9.59 17.70
N ALA A 156 -28.48 9.73 18.80
CA ALA A 156 -27.84 10.15 20.02
C ALA A 156 -27.88 9.05 21.10
N ASP A 157 -28.93 8.22 21.14
CA ASP A 157 -29.14 7.28 22.27
C ASP A 157 -28.96 5.88 21.71
N PHE A 158 -28.02 5.11 22.24
CA PHE A 158 -27.67 3.74 21.81
C PHE A 158 -28.01 2.67 22.93
N GLY A 159 -28.91 3.06 23.76
CA GLY A 159 -29.34 2.32 24.93
C GLY A 159 -29.73 0.89 24.68
N TRP A 160 -30.50 0.66 23.61
CA TRP A 160 -30.96 -0.65 23.24
C TRP A 160 -30.06 -1.34 22.15
N SER A 161 -29.00 -0.69 21.68
N SER A 161 -28.99 -0.69 21.69
CA SER A 161 -28.27 -1.15 20.55
CA SER A 161 -28.24 -1.15 20.55
C SER A 161 -27.52 -2.42 20.93
C SER A 161 -27.36 -2.35 20.90
N VAL A 162 -27.15 -3.19 19.91
CA VAL A 162 -26.45 -4.47 20.10
C VAL A 162 -25.53 -4.68 18.94
N HIS A 163 -24.33 -5.24 19.19
CA HIS A 163 -23.56 -5.80 18.09
C HIS A 163 -23.96 -7.29 17.96
N ALA A 164 -24.47 -7.67 16.80
CA ALA A 164 -25.06 -8.96 16.56
C ALA A 164 -24.47 -9.52 15.29
N PRO A 165 -23.22 -9.99 15.40
CA PRO A 165 -22.56 -10.52 14.23
C PRO A 165 -23.20 -11.80 13.61
N SER A 166 -23.75 -12.66 14.43
CA SER A 166 -24.10 -13.99 13.93
C SER A 166 -25.53 -14.36 14.26
N LEU A 167 -25.89 -14.23 15.51
CA LEU A 167 -27.11 -14.85 16.02
C LEU A 167 -28.29 -13.92 15.86
N ARG A 168 -29.48 -14.49 15.67
CA ARG A 168 -30.65 -13.67 15.80
C ARG A 168 -30.87 -13.28 17.26
N ARG A 169 -31.66 -12.23 17.49
CA ARG A 169 -31.94 -11.80 18.86
C ARG A 169 -33.33 -12.11 19.35
N ARG A 170 -33.53 -12.20 20.68
CA ARG A 170 -34.88 -12.38 21.26
C ARG A 170 -35.42 -11.24 22.14
N MET A 172 -37.17 -8.17 23.78
CA MET A 172 -38.21 -7.23 23.51
C MET A 172 -37.62 -5.91 23.88
N CYS A 173 -37.44 -5.05 22.90
CA CYS A 173 -36.92 -3.82 23.27
C CYS A 173 -37.43 -2.69 22.37
N GLY A 174 -37.23 -1.49 22.81
CA GLY A 174 -37.70 -0.32 22.03
C GLY A 174 -38.79 0.34 22.78
N THR A 175 -39.75 0.87 22.05
CA THR A 175 -40.74 1.75 22.55
C THR A 175 -42.08 1.30 21.93
N LEU A 176 -43.13 1.19 22.73
CA LEU A 176 -44.43 0.65 22.31
C LEU A 176 -44.84 0.95 20.89
N ASP A 177 -44.95 2.23 20.56
CA ASP A 177 -45.49 2.62 19.24
C ASP A 177 -44.61 2.21 18.06
N TYR A 178 -43.36 1.91 18.38
CA TYR A 178 -42.36 1.62 17.41
C TYR A 178 -42.04 0.13 17.31
N LEU A 179 -42.64 -0.72 18.14
CA LEU A 179 -42.30 -2.15 18.15
C LEU A 179 -42.65 -2.84 16.82
N PRO A 180 -41.75 -3.61 16.26
CA PRO A 180 -42.07 -4.35 15.10
C PRO A 180 -42.92 -5.59 15.44
N PRO A 181 -43.69 -6.07 14.46
CA PRO A 181 -44.54 -7.24 14.73
C PRO A 181 -43.76 -8.41 15.31
N GLU A 182 -42.55 -8.68 14.83
CA GLU A 182 -41.80 -9.84 15.27
C GLU A 182 -41.44 -9.78 16.73
N MET A 183 -41.21 -8.58 17.29
CA MET A 183 -40.96 -8.49 18.72
C MET A 183 -42.23 -8.82 19.51
N ILE A 184 -43.35 -8.31 19.04
CA ILE A 184 -44.62 -8.49 19.75
C ILE A 184 -44.99 -9.96 19.75
N GLU A 185 -44.74 -10.65 18.65
CA GLU A 185 -45.06 -12.06 18.50
C GLU A 185 -44.06 -13.04 19.15
N GLY A 186 -43.01 -12.52 19.79
CA GLY A 186 -42.00 -13.37 20.42
C GLY A 186 -41.12 -14.15 19.49
N LYS A 187 -40.98 -13.69 18.22
CA LYS A 187 -40.10 -14.29 17.25
C LYS A 187 -38.68 -13.79 17.49
N THR A 188 -37.71 -14.45 16.92
CA THR A 188 -36.36 -13.88 16.87
C THR A 188 -36.39 -12.66 15.90
N HIS A 189 -35.50 -11.74 16.13
CA HIS A 189 -35.33 -10.58 15.25
C HIS A 189 -33.90 -10.38 14.82
N ASP A 190 -33.73 -9.51 13.80
CA ASP A 190 -32.42 -9.20 13.24
C ASP A 190 -32.45 -7.69 12.92
N GLU A 191 -31.51 -7.26 12.07
CA GLU A 191 -31.35 -5.85 11.81
C GLU A 191 -32.49 -5.19 11.09
N LYS A 192 -33.39 -6.00 10.53
CA LYS A 192 -34.54 -5.46 9.88
C LYS A 192 -35.53 -4.79 10.80
N VAL A 193 -35.40 -4.97 12.12
CA VAL A 193 -36.20 -4.16 13.08
C VAL A 193 -36.03 -2.67 12.79
N ASP A 194 -34.79 -2.28 12.45
CA ASP A 194 -34.51 -0.85 12.25
C ASP A 194 -35.25 -0.28 11.00
N LEU A 195 -35.54 -1.14 10.02
N LEU A 195 -35.51 -1.12 10.00
CA LEU A 195 -36.25 -0.77 8.78
CA LEU A 195 -36.24 -0.69 8.80
C LEU A 195 -37.68 -0.45 9.14
C LEU A 195 -37.66 -0.37 9.24
N TRP A 196 -38.25 -1.27 10.02
CA TRP A 196 -39.59 -1.05 10.48
C TRP A 196 -39.67 0.25 11.25
N CYS A 197 -38.76 0.44 12.18
CA CYS A 197 -38.81 1.64 13.01
C CYS A 197 -38.63 2.92 12.15
N ALA A 198 -37.82 2.82 11.09
CA ALA A 198 -37.63 3.94 10.17
C ALA A 198 -38.98 4.35 9.52
N GLY A 199 -39.79 3.35 9.20
CA GLY A 199 -41.08 3.62 8.65
C GLY A 199 -42.08 4.24 9.59
N VAL A 200 -42.05 3.81 10.82
CA VAL A 200 -42.87 4.43 11.86
C VAL A 200 -42.42 5.89 12.04
N LEU A 201 -41.10 6.10 12.06
CA LEU A 201 -40.57 7.45 12.23
C LEU A 201 -41.00 8.38 11.08
N CYS A 202 -40.87 7.93 9.83
CA CYS A 202 -41.24 8.74 8.70
C CYS A 202 -42.75 9.18 8.83
N TYR A 203 -43.61 8.21 9.19
CA TYR A 203 -45.05 8.51 9.39
C TYR A 203 -45.22 9.55 10.51
N GLU A 204 -44.59 9.37 11.65
CA GLU A 204 -44.72 10.33 12.74
C GLU A 204 -44.20 11.71 12.35
N PHE A 205 -43.07 11.78 11.63
CA PHE A 205 -42.56 13.06 11.16
C PHE A 205 -43.63 13.82 10.38
N LEU A 206 -44.28 13.13 9.45
CA LEU A 206 -45.23 13.76 8.52
C LEU A 206 -46.60 14.02 9.11
N VAL A 207 -46.98 13.20 10.05
CA VAL A 207 -48.35 13.18 10.60
C VAL A 207 -48.36 13.80 11.98
N GLY A 208 -47.33 13.58 12.79
CA GLY A 208 -47.20 14.13 14.13
C GLY A 208 -47.67 13.17 15.22
N MET A 209 -48.24 12.03 14.80
CA MET A 209 -48.62 10.92 15.69
C MET A 209 -48.11 9.62 15.05
N PRO A 210 -47.70 8.63 15.86
CA PRO A 210 -47.32 7.32 15.29
C PRO A 210 -48.53 6.58 14.71
N PRO A 211 -48.29 5.69 13.73
CA PRO A 211 -49.36 5.13 12.88
C PRO A 211 -50.35 4.19 13.69
N PHE A 212 -49.91 3.59 14.76
CA PHE A 212 -50.72 2.57 15.49
C PHE A 212 -51.17 3.05 16.85
N ASP A 213 -51.19 4.37 17.03
CA ASP A 213 -51.64 5.01 18.28
C ASP A 213 -53.01 4.44 18.69
N SER A 214 -53.07 4.02 19.91
CA SER A 214 -54.28 3.45 20.52
C SER A 214 -54.39 3.74 21.99
N PRO A 215 -55.65 3.61 22.48
CA PRO A 215 -55.93 3.82 23.88
C PRO A 215 -55.25 2.84 24.87
N SER A 216 -54.87 1.61 24.43
CA SER A 216 -54.27 0.59 25.26
C SER A 216 -53.12 -0.13 24.57
N HIS A 217 -52.25 -0.71 25.36
CA HIS A 217 -51.10 -1.44 24.88
C HIS A 217 -51.59 -2.65 24.03
N THR A 218 -52.65 -3.37 24.46
CA THR A 218 -53.09 -4.48 23.65
C THR A 218 -53.68 -4.05 22.31
N GLU A 219 -54.40 -2.94 22.25
CA GLU A 219 -54.91 -2.49 20.99
C GLU A 219 -53.77 -2.02 20.05
N THR A 220 -52.79 -1.31 20.62
CA THR A 220 -51.62 -0.92 19.80
C THR A 220 -50.93 -2.19 19.22
N HIS A 221 -50.65 -3.20 20.09
CA HIS A 221 -50.06 -4.44 19.60
C HIS A 221 -50.89 -5.02 18.47
N ARG A 222 -52.23 -5.05 18.61
CA ARG A 222 -53.09 -5.63 17.56
C ARG A 222 -52.96 -4.85 16.24
N ARG A 223 -52.93 -3.50 16.30
CA ARG A 223 -52.80 -2.74 15.14
C ARG A 223 -51.42 -3.02 14.44
N ILE A 224 -50.41 -3.16 15.23
CA ILE A 224 -49.05 -3.42 14.69
C ILE A 224 -48.97 -4.72 13.94
N VAL A 225 -49.43 -5.78 14.62
CA VAL A 225 -49.27 -7.14 14.05
C VAL A 225 -50.21 -7.38 12.87
N ASN A 226 -51.28 -6.62 12.75
CA ASN A 226 -52.10 -6.55 11.59
C ASN A 226 -51.68 -5.52 10.50
N VAL A 227 -50.64 -4.71 10.80
CA VAL A 227 -50.21 -3.61 10.01
C VAL A 227 -51.38 -2.77 9.55
N ASP A 228 -52.10 -2.29 10.57
CA ASP A 228 -53.35 -1.54 10.38
C ASP A 228 -53.06 -0.08 10.13
N LEU A 229 -52.42 0.19 8.99
CA LEU A 229 -51.95 1.48 8.59
C LEU A 229 -53.07 2.22 7.87
N LYS A 230 -53.47 3.39 8.39
CA LYS A 230 -54.48 4.26 7.84
C LYS A 230 -53.85 5.63 7.53
N PHE A 231 -53.53 5.87 6.26
CA PHE A 231 -52.90 7.13 5.87
C PHE A 231 -53.85 8.31 5.86
N PRO A 232 -53.49 9.40 6.52
CA PRO A 232 -54.27 10.63 6.39
C PRO A 232 -54.25 11.14 4.97
N PRO A 233 -55.35 11.78 4.52
CA PRO A 233 -55.46 12.13 3.16
C PRO A 233 -54.50 13.25 2.73
N PHE A 234 -53.91 13.99 3.66
CA PHE A 234 -52.93 15.03 3.28
C PHE A 234 -51.55 14.52 2.77
N LEU A 235 -51.19 13.29 3.09
CA LEU A 235 -49.89 12.73 2.66
C LEU A 235 -49.82 12.57 1.15
N SER A 236 -48.63 12.89 0.63
CA SER A 236 -48.29 12.66 -0.73
C SER A 236 -48.21 11.19 -1.07
N ASP A 237 -48.45 10.89 -2.34
CA ASP A 237 -48.30 9.53 -2.82
C ASP A 237 -46.85 9.02 -2.62
N GLY A 238 -45.86 9.90 -2.75
CA GLY A 238 -44.49 9.43 -2.61
C GLY A 238 -44.20 9.01 -1.15
N SER A 239 -44.65 9.85 -0.23
CA SER A 239 -44.38 9.61 1.17
C SER A 239 -45.08 8.30 1.61
N LYS A 240 -46.35 8.10 1.17
CA LYS A 240 -47.08 6.85 1.43
C LYS A 240 -46.35 5.68 0.83
N ASP A 241 -45.73 5.86 -0.33
CA ASP A 241 -45.06 4.76 -0.99
C ASP A 241 -43.87 4.29 -0.17
N LEU A 242 -43.13 5.25 0.34
CA LEU A 242 -41.94 4.90 1.17
C LEU A 242 -42.37 4.24 2.45
N ILE A 243 -43.34 4.87 3.15
CA ILE A 243 -43.76 4.31 4.42
C ILE A 243 -44.27 2.90 4.23
N SER A 244 -45.13 2.70 3.21
CA SER A 244 -45.66 1.36 2.92
C SER A 244 -44.61 0.32 2.67
N LYS A 245 -43.54 0.72 2.02
CA LYS A 245 -42.49 -0.21 1.72
C LYS A 245 -41.59 -0.57 2.90
N LEU A 246 -41.55 0.30 3.90
CA LEU A 246 -40.84 0.01 5.15
C LEU A 246 -41.70 -0.80 6.17
N LEU A 247 -43.00 -0.45 6.32
CA LEU A 247 -43.88 -1.09 7.26
C LEU A 247 -44.47 -2.39 6.70
N ARG A 248 -43.59 -3.32 6.42
CA ARG A 248 -43.98 -4.68 5.90
C ARG A 248 -43.98 -5.62 7.09
N TYR A 249 -45.05 -6.44 7.19
CA TYR A 249 -45.08 -7.45 8.17
C TYR A 249 -43.86 -8.37 8.14
N HIS A 250 -43.50 -8.85 6.96
CA HIS A 250 -42.40 -9.79 6.83
C HIS A 250 -41.08 -9.02 6.75
N PRO A 251 -40.18 -9.20 7.74
CA PRO A 251 -38.88 -8.50 7.70
C PRO A 251 -38.11 -8.50 6.38
N PRO A 252 -38.01 -9.66 5.72
CA PRO A 252 -37.26 -9.71 4.47
C PRO A 252 -37.87 -8.91 3.34
N GLN A 253 -39.17 -8.53 3.46
CA GLN A 253 -39.73 -7.75 2.42
C GLN A 253 -39.61 -6.22 2.59
N ARG A 254 -39.10 -5.77 3.72
CA ARG A 254 -38.94 -4.37 3.93
C ARG A 254 -37.87 -3.77 3.02
N LEU A 255 -38.13 -2.54 2.62
CA LEU A 255 -37.19 -1.78 1.77
C LEU A 255 -35.85 -1.63 2.44
N PRO A 256 -34.80 -1.98 1.73
CA PRO A 256 -33.48 -1.83 2.41
C PRO A 256 -33.12 -0.40 2.62
N LEU A 257 -32.15 -0.14 3.50
CA LEU A 257 -31.75 1.21 3.80
C LEU A 257 -31.23 1.89 2.57
N LYS A 258 -30.47 1.21 1.74
CA LYS A 258 -30.00 1.83 0.47
C LYS A 258 -31.20 2.19 -0.39
N GLY A 259 -32.25 1.38 -0.31
CA GLY A 259 -33.51 1.68 -0.97
C GLY A 259 -34.20 2.91 -0.48
N VAL A 260 -34.13 3.19 0.83
CA VAL A 260 -34.68 4.40 1.37
C VAL A 260 -33.91 5.61 0.77
N MET A 261 -32.56 5.54 0.79
CA MET A 261 -31.69 6.64 0.26
C MET A 261 -31.98 6.96 -1.20
N GLU A 262 -32.34 5.94 -1.97
CA GLU A 262 -32.55 5.93 -3.44
C GLU A 262 -34.00 6.18 -3.74
N HIS A 263 -34.86 6.16 -2.74
CA HIS A 263 -36.30 6.30 -3.07
C HIS A 263 -36.63 7.63 -3.72
N PRO A 264 -37.46 7.64 -4.79
CA PRO A 264 -37.69 8.90 -5.49
C PRO A 264 -38.18 10.05 -4.68
N TRP A 265 -38.98 9.76 -3.64
CA TRP A 265 -39.53 10.80 -2.76
C TRP A 265 -38.43 11.43 -1.92
N VAL A 266 -37.47 10.58 -1.47
CA VAL A 266 -36.31 11.07 -0.79
C VAL A 266 -35.46 11.94 -1.74
N LYS A 267 -35.19 11.43 -2.93
CA LYS A 267 -34.42 12.18 -3.87
C LYS A 267 -35.03 13.54 -4.20
N ALA A 268 -36.33 13.57 -4.41
CA ALA A 268 -37.01 14.80 -4.79
C ALA A 268 -37.18 15.84 -3.74
N ASN A 269 -37.16 15.45 -2.48
CA ASN A 269 -37.46 16.31 -1.37
C ASN A 269 -36.29 16.58 -0.40
N SER A 270 -35.34 15.65 -0.29
CA SER A 270 -34.26 15.85 0.66
C SER A 270 -33.34 17.03 0.26
N ARG A 271 -32.94 17.77 1.28
CA ARG A 271 -31.93 18.88 1.11
C ARG A 271 -30.81 18.58 2.07
N ARG A 272 -30.40 17.35 2.10
CA ARG A 272 -29.31 16.91 3.00
C ARG A 272 -27.99 17.62 2.61
N VAL A 273 -27.28 18.11 3.61
CA VAL A 273 -25.94 18.69 3.44
C VAL A 273 -24.99 18.02 4.43
N LEU A 274 -23.85 17.57 3.93
CA LEU A 274 -22.82 16.93 4.75
C LEU A 274 -22.05 18.04 5.45
N PRO A 275 -21.86 17.93 6.76
CA PRO A 275 -21.06 18.93 7.47
C PRO A 275 -19.62 19.00 6.91
N PRO A 276 -18.97 20.18 7.00
CA PRO A 276 -17.56 20.24 6.74
C PRO A 276 -16.76 19.33 7.64
N VAL A 277 -15.73 18.74 7.06
CA VAL A 277 -14.83 17.86 7.78
C VAL A 277 -13.39 18.42 7.76
N TYR A 278 -12.60 18.05 8.75
CA TYR A 278 -11.18 18.39 8.74
C TYR A 278 -10.58 17.59 7.55
N GLN A 279 -9.92 18.17 6.58
CA GLN A 279 -9.30 19.48 6.55
C GLN A 279 -10.24 20.53 5.97
N THR B 1 34.54 -32.24 -52.09
CA THR B 1 34.24 -32.87 -53.40
C THR B 1 33.53 -31.76 -54.25
N ALA B 2 33.54 -31.93 -55.56
CA ALA B 2 32.91 -30.99 -56.47
C ALA B 2 31.39 -31.14 -56.43
N LEU B 3 30.88 -32.07 -55.64
CA LEU B 3 29.45 -32.22 -55.50
C LEU B 3 29.00 -32.00 -54.04
N ALA B 4 29.92 -31.54 -53.16
CA ALA B 4 29.58 -31.25 -51.76
C ALA B 4 28.55 -30.10 -51.73
N GLU B 5 27.71 -30.14 -50.73
CA GLU B 5 26.72 -29.07 -50.59
C GLU B 5 27.40 -27.70 -50.45
N MET B 6 26.88 -26.73 -51.13
CA MET B 6 27.45 -25.44 -51.11
C MET B 6 27.38 -24.85 -49.68
N PRO B 7 28.45 -24.20 -49.19
CA PRO B 7 28.30 -23.69 -47.83
C PRO B 7 27.44 -22.45 -47.70
N LYS B 8 26.83 -22.32 -46.53
CA LYS B 8 26.07 -21.10 -46.27
C LYS B 8 26.95 -19.90 -46.05
N ARG B 9 26.34 -18.74 -46.26
CA ARG B 9 27.01 -17.49 -46.11
C ARG B 9 27.28 -17.22 -44.63
N LYS B 10 28.42 -16.60 -44.42
CA LYS B 10 28.77 -16.07 -43.09
C LYS B 10 28.92 -14.58 -43.22
N PHE B 11 28.96 -13.86 -42.08
CA PHE B 11 29.26 -12.43 -42.12
C PHE B 11 30.66 -12.18 -42.58
N THR B 12 30.88 -11.01 -43.19
CA THR B 12 32.19 -10.60 -43.61
C THR B 12 32.35 -9.15 -43.25
N ILE B 13 33.58 -8.65 -43.28
CA ILE B 13 33.80 -7.26 -42.97
C ILE B 13 33.04 -6.28 -43.93
N ASP B 14 32.79 -6.69 -45.17
CA ASP B 14 32.04 -5.89 -46.15
C ASP B 14 30.57 -5.67 -45.76
N ASP B 15 30.10 -6.40 -44.73
CA ASP B 15 28.71 -6.28 -44.29
C ASP B 15 28.52 -5.12 -43.38
N PHE B 16 29.57 -4.36 -43.11
CA PHE B 16 29.54 -3.32 -42.02
C PHE B 16 30.12 -2.00 -42.46
N ASP B 17 29.44 -0.91 -42.12
CA ASP B 17 30.01 0.43 -42.08
C ASP B 17 30.75 0.57 -40.74
N ILE B 18 32.03 0.88 -40.80
CA ILE B 18 32.85 0.98 -39.59
C ILE B 18 32.93 2.42 -39.12
N GLY B 19 32.76 2.63 -37.81
CA GLY B 19 32.98 3.91 -37.19
C GLY B 19 34.29 3.83 -36.39
N ARG B 20 34.36 4.65 -35.37
CA ARG B 20 35.55 4.86 -34.59
C ARG B 20 35.68 3.71 -33.60
N PRO B 21 36.88 3.50 -33.04
CA PRO B 21 37.00 2.67 -31.84
C PRO B 21 36.16 3.23 -30.71
N LEU B 22 35.72 2.36 -29.83
CA LEU B 22 34.89 2.76 -28.74
C LEU B 22 35.76 3.35 -27.63
N GLY B 23 37.03 3.01 -27.65
CA GLY B 23 37.96 3.53 -26.60
C GLY B 23 39.38 3.57 -27.10
N LYS B 24 40.27 4.21 -26.34
CA LYS B 24 41.68 4.34 -26.77
C LYS B 24 42.60 3.38 -26.05
N GLY B 25 42.04 2.59 -25.11
CA GLY B 25 42.82 1.68 -24.28
C GLY B 25 42.35 0.26 -24.46
N LYS B 26 41.75 -0.33 -23.43
CA LYS B 26 41.47 -1.76 -23.54
C LYS B 26 40.48 -2.01 -24.69
N PHE B 27 39.58 -1.06 -24.94
CA PHE B 27 38.61 -1.24 -26.05
C PHE B 27 39.06 -0.59 -27.35
N GLY B 28 40.37 -0.45 -27.54
CA GLY B 28 40.88 -0.01 -28.86
C GLY B 28 40.70 -0.46 -30.36
N ASN B 29 40.66 -1.66 -30.92
CA ASN B 29 40.04 -2.85 -30.62
C ASN B 29 38.61 -3.14 -30.89
N VAL B 30 37.74 -2.32 -30.35
CA VAL B 30 36.30 -2.56 -30.51
C VAL B 30 35.74 -1.34 -31.22
N TYR B 31 35.08 -1.50 -32.37
CA TYR B 31 34.67 -0.39 -33.17
C TYR B 31 33.19 -0.26 -33.17
N LEU B 32 32.72 0.97 -33.19
CA LEU B 32 31.31 1.17 -33.50
C LEU B 32 31.08 0.73 -34.92
N ALA B 33 29.99 0.00 -35.19
CA ALA B 33 29.75 -0.52 -36.54
C ALA B 33 28.26 -0.55 -36.84
N ARG B 34 27.92 -0.40 -38.10
CA ARG B 34 26.55 -0.52 -38.52
C ARG B 34 26.43 -1.63 -39.52
N GLU B 35 25.68 -2.69 -39.21
CA GLU B 35 25.46 -3.75 -40.16
C GLU B 35 24.53 -3.19 -41.27
N LYS B 36 24.95 -3.33 -42.51
CA LYS B 36 24.32 -2.64 -43.62
C LYS B 36 22.89 -3.10 -43.92
N GLN B 37 22.63 -4.41 -44.01
CA GLN B 37 21.33 -4.90 -44.48
C GLN B 37 20.23 -4.36 -43.55
N ASN B 38 20.48 -4.39 -42.25
CA ASN B 38 19.46 -3.92 -41.29
C ASN B 38 19.66 -2.55 -40.64
N LYS B 39 20.65 -1.79 -41.11
CA LYS B 39 21.05 -0.49 -40.64
C LYS B 39 21.11 -0.50 -39.09
N PHE B 40 21.73 -1.54 -38.52
CA PHE B 40 21.66 -1.90 -37.09
C PHE B 40 23.02 -1.67 -36.45
N ILE B 41 23.06 -0.83 -35.44
CA ILE B 41 24.32 -0.40 -34.82
C ILE B 41 24.75 -1.43 -33.77
N MET B 42 26.07 -1.84 -33.81
CA MET B 42 26.60 -2.83 -32.93
C MET B 42 28.06 -2.46 -32.71
N ALA B 43 28.74 -3.28 -31.92
CA ALA B 43 30.15 -3.11 -31.69
C ALA B 43 30.86 -4.29 -32.42
N LEU B 44 31.99 -4.01 -33.07
CA LEU B 44 32.77 -5.09 -33.70
C LEU B 44 34.16 -5.15 -33.04
N LYS B 45 34.42 -6.22 -32.36
CA LYS B 45 35.71 -6.40 -31.72
C LYS B 45 36.62 -7.15 -32.69
N VAL B 46 37.81 -6.60 -32.95
CA VAL B 46 38.72 -7.15 -33.94
C VAL B 46 39.98 -7.68 -33.22
N LEU B 47 40.22 -9.00 -33.35
CA LEU B 47 41.39 -9.62 -32.73
C LEU B 47 42.34 -10.04 -33.83
N PHE B 48 43.65 -9.94 -33.54
CA PHE B 48 44.69 -10.32 -34.50
C PHE B 48 45.20 -11.70 -34.11
N LYS B 49 45.02 -12.65 -35.01
CA LYS B 49 45.30 -14.08 -34.79
C LYS B 49 46.73 -14.27 -34.34
N SER B 50 47.62 -13.42 -34.85
CA SER B 50 49.05 -13.48 -34.54
C SER B 50 49.32 -13.04 -33.11
N GLN B 51 48.58 -12.04 -32.64
CA GLN B 51 48.76 -11.50 -31.30
C GLN B 51 48.21 -12.41 -30.23
N LEU B 52 47.15 -13.13 -30.59
CA LEU B 52 46.56 -14.11 -29.71
C LEU B 52 47.51 -15.29 -29.50
N GLU B 53 48.07 -15.84 -30.58
CA GLU B 53 48.94 -17.03 -30.46
C GLU B 53 50.18 -16.76 -29.62
N LYS B 54 50.68 -15.53 -29.70
CA LYS B 54 51.92 -15.12 -29.03
C LYS B 54 51.74 -14.86 -27.55
N GLU B 55 50.76 -14.02 -27.19
CA GLU B 55 50.32 -13.96 -25.79
C GLU B 55 49.78 -15.33 -25.32
N GLY B 56 49.56 -16.27 -26.24
CA GLY B 56 49.10 -17.62 -25.91
C GLY B 56 47.65 -17.76 -25.44
N VAL B 57 46.80 -16.78 -25.76
CA VAL B 57 45.45 -16.67 -25.18
C VAL B 57 44.37 -17.24 -26.11
N GLU B 58 44.74 -18.07 -27.06
CA GLU B 58 43.75 -18.50 -28.03
C GLU B 58 42.79 -19.57 -27.44
N HIS B 59 43.31 -20.37 -26.51
CA HIS B 59 42.49 -21.28 -25.69
C HIS B 59 41.37 -20.55 -24.93
N GLN B 60 41.73 -19.42 -24.37
CA GLN B 60 40.82 -18.68 -23.53
C GLN B 60 39.75 -18.05 -24.46
N LEU B 61 40.18 -17.58 -25.63
CA LEU B 61 39.22 -16.91 -26.55
C LEU B 61 38.16 -17.89 -27.00
N ARG B 62 38.62 -19.10 -27.33
CA ARG B 62 37.76 -20.10 -27.80
C ARG B 62 36.69 -20.39 -26.78
N ARG B 63 37.12 -20.48 -25.56
CA ARG B 63 36.20 -20.77 -24.48
C ARG B 63 35.17 -19.61 -24.33
N GLU B 64 35.69 -18.37 -24.40
CA GLU B 64 34.84 -17.17 -24.23
C GLU B 64 33.79 -17.04 -25.36
N ILE B 65 34.18 -17.30 -26.60
CA ILE B 65 33.19 -17.19 -27.71
C ILE B 65 32.19 -18.30 -27.59
N GLU B 66 32.67 -19.50 -27.24
CA GLU B 66 31.76 -20.59 -27.15
C GLU B 66 30.66 -20.34 -26.09
N ILE B 67 31.06 -19.79 -24.96
CA ILE B 67 30.10 -19.46 -23.91
C ILE B 67 29.19 -18.32 -24.31
N GLN B 68 29.77 -17.20 -24.67
CA GLN B 68 28.96 -15.97 -24.86
C GLN B 68 28.07 -16.02 -26.07
N SER B 69 28.48 -16.76 -27.07
CA SER B 69 27.68 -16.92 -28.33
C SER B 69 26.34 -17.57 -28.11
N HIS B 70 26.19 -18.31 -27.01
CA HIS B 70 24.96 -19.01 -26.69
C HIS B 70 24.06 -18.34 -25.64
N LEU B 71 24.44 -17.18 -25.09
CA LEU B 71 23.66 -16.59 -24.05
C LEU B 71 22.82 -15.47 -24.64
N ARG B 72 21.53 -15.51 -24.36
CA ARG B 72 20.59 -14.56 -24.90
C ARG B 72 19.69 -14.09 -23.76
N HIS B 73 20.08 -13.01 -23.09
CA HIS B 73 19.35 -12.47 -21.98
C HIS B 73 19.51 -10.94 -22.01
N PRO B 74 18.49 -10.17 -21.57
CA PRO B 74 18.56 -8.77 -21.69
C PRO B 74 19.63 -8.06 -20.83
N ASN B 75 20.17 -8.75 -19.82
CA ASN B 75 21.23 -8.21 -18.99
C ASN B 75 22.52 -8.94 -19.17
N ILE B 76 22.69 -9.55 -20.33
CA ILE B 76 23.96 -10.14 -20.78
C ILE B 76 24.30 -9.52 -22.13
N LEU B 77 25.49 -8.90 -22.26
CA LEU B 77 25.90 -8.33 -23.50
C LEU B 77 25.90 -9.41 -24.58
N ARG B 78 25.05 -9.22 -25.61
CA ARG B 78 24.96 -10.21 -26.68
C ARG B 78 26.16 -10.30 -27.60
N MET B 79 26.48 -11.52 -28.01
CA MET B 79 27.40 -11.78 -29.11
C MET B 79 26.49 -12.26 -30.23
N TYR B 80 26.23 -11.40 -31.22
CA TYR B 80 25.27 -11.74 -32.30
C TYR B 80 25.78 -12.89 -33.19
N ASN B 81 27.05 -12.80 -33.51
CA ASN B 81 27.76 -13.74 -34.42
C ASN B 81 29.24 -13.39 -34.41
N TYR B 82 30.00 -14.11 -35.24
CA TYR B 82 31.43 -13.88 -35.37
C TYR B 82 31.89 -14.45 -36.71
N PHE B 83 33.05 -13.99 -37.12
CA PHE B 83 33.63 -14.41 -38.42
C PHE B 83 35.11 -14.22 -38.39
N HIS B 84 35.84 -14.61 -39.45
CA HIS B 84 37.26 -14.38 -39.43
C HIS B 84 37.78 -14.28 -40.83
N ASP B 85 38.99 -13.76 -40.92
CA ASP B 85 39.72 -13.86 -42.21
C ASP B 85 41.11 -14.43 -41.97
N ARG B 86 41.99 -14.39 -42.96
CA ARG B 86 43.29 -14.97 -42.72
C ARG B 86 44.03 -14.37 -41.51
N LYS B 87 43.95 -13.05 -41.27
CA LYS B 87 44.65 -12.42 -40.12
C LYS B 87 43.85 -12.13 -38.84
N ARG B 88 42.52 -12.03 -38.96
CA ARG B 88 41.71 -11.42 -37.89
C ARG B 88 40.46 -12.23 -37.53
N ILE B 89 40.06 -12.09 -36.29
CA ILE B 89 38.85 -12.69 -35.80
C ILE B 89 37.96 -11.50 -35.37
N TYR B 90 36.71 -11.58 -35.78
CA TYR B 90 35.78 -10.47 -35.58
C TYR B 90 34.59 -10.98 -34.76
N LEU B 91 34.27 -10.30 -33.68
CA LEU B 91 33.11 -10.66 -32.84
C LEU B 91 32.08 -9.51 -32.97
N MET B 92 30.86 -9.88 -33.32
CA MET B 92 29.78 -8.91 -33.45
C MET B 92 29.05 -8.82 -32.10
N LEU B 93 29.20 -7.72 -31.43
CA LEU B 93 28.73 -7.58 -30.08
C LEU B 93 27.62 -6.50 -29.98
N GLU B 94 26.78 -6.64 -28.99
CA GLU B 94 25.81 -5.59 -28.60
C GLU B 94 26.51 -4.31 -28.21
N PHE B 95 26.03 -3.20 -28.75
CA PHE B 95 26.45 -1.90 -28.31
C PHE B 95 25.71 -1.47 -27.08
N ALA B 96 26.46 -1.17 -26.02
CA ALA B 96 25.90 -0.64 -24.78
C ALA B 96 26.07 0.89 -24.64
N PRO B 97 25.02 1.65 -25.01
CA PRO B 97 25.25 3.10 -25.29
C PRO B 97 25.66 3.91 -24.06
N ARG B 98 25.28 3.47 -22.87
CA ARG B 98 25.63 4.21 -21.63
C ARG B 98 27.01 3.82 -21.05
N GLY B 99 27.69 2.90 -21.71
CA GLY B 99 29.09 2.57 -21.45
C GLY B 99 29.38 1.87 -20.17
N GLU B 100 30.57 2.22 -19.60
CA GLU B 100 31.10 1.42 -18.47
C GLU B 100 30.45 1.76 -17.15
N LEU B 101 29.99 0.72 -16.47
CA LEU B 101 29.39 0.94 -15.17
C LEU B 101 30.40 1.47 -14.17
N TYR B 102 31.66 1.05 -14.28
CA TYR B 102 32.62 1.43 -13.23
C TYR B 102 32.86 3.00 -13.27
N LYS B 103 32.83 3.59 -14.46
CA LYS B 103 33.04 5.03 -14.60
C LYS B 103 31.88 5.80 -13.99
N GLU B 104 30.69 5.23 -14.06
CA GLU B 104 29.52 5.86 -13.49
C GLU B 104 29.60 5.84 -11.96
N LEU B 105 30.10 4.73 -11.42
CA LEU B 105 30.27 4.60 -9.99
C LEU B 105 31.31 5.56 -9.52
N GLN B 106 32.41 5.69 -10.26
CA GLN B 106 33.49 6.61 -9.84
C GLN B 106 32.96 8.03 -9.83
N LYS B 107 32.21 8.33 -10.85
CA LYS B 107 31.61 9.67 -10.96
C LYS B 107 30.67 10.01 -9.82
N HIS B 108 29.82 9.08 -9.47
CA HIS B 108 28.85 9.31 -8.44
C HIS B 108 29.41 9.07 -7.03
N GLY B 109 30.52 8.32 -6.91
CA GLY B 109 30.99 7.89 -5.60
C GLY B 109 30.32 6.65 -5.06
N ARG B 110 28.99 6.69 -4.91
N ARG B 110 29.01 6.71 -4.90
CA ARG B 110 28.25 5.55 -4.46
CA ARG B 110 28.29 5.51 -4.68
C ARG B 110 26.85 5.69 -5.06
C ARG B 110 26.97 5.68 -5.38
N PHE B 111 26.28 4.57 -5.49
CA PHE B 111 24.92 4.59 -6.08
C PHE B 111 23.87 4.61 -4.97
N ASP B 112 22.72 5.23 -5.26
CA ASP B 112 21.60 5.22 -4.37
C ASP B 112 20.93 3.84 -4.33
N GLU B 113 19.99 3.68 -3.41
CA GLU B 113 19.42 2.32 -3.14
C GLU B 113 18.61 1.86 -4.33
N GLN B 114 17.89 2.79 -5.00
CA GLN B 114 17.12 2.38 -6.18
C GLN B 114 18.01 1.88 -7.31
N ARG B 115 19.04 2.66 -7.65
CA ARG B 115 19.92 2.26 -8.72
C ARG B 115 20.59 0.88 -8.37
N SER B 116 20.98 0.78 -7.12
CA SER B 116 21.70 -0.43 -6.67
C SER B 116 20.80 -1.63 -6.69
N ALA B 117 19.58 -1.50 -6.18
CA ALA B 117 18.68 -2.66 -6.13
C ALA B 117 18.25 -3.09 -7.53
N THR B 118 18.08 -2.12 -8.42
CA THR B 118 17.74 -2.41 -9.84
C THR B 118 18.87 -3.25 -10.47
N PHE B 119 20.12 -2.80 -10.25
CA PHE B 119 21.26 -3.53 -10.78
C PHE B 119 21.31 -4.93 -10.21
N MET B 120 21.03 -5.10 -8.94
CA MET B 120 21.04 -6.38 -8.25
C MET B 120 20.00 -7.34 -8.82
N GLU B 121 18.81 -6.82 -9.06
CA GLU B 121 17.77 -7.68 -9.66
C GLU B 121 18.19 -8.13 -11.06
N GLU B 122 18.74 -7.21 -11.88
CA GLU B 122 19.23 -7.54 -13.25
C GLU B 122 20.37 -8.57 -13.16
N LEU B 123 21.32 -8.31 -12.27
CA LEU B 123 22.44 -9.21 -12.13
C LEU B 123 22.05 -10.65 -11.70
N ALA B 124 21.17 -10.72 -10.72
CA ALA B 124 20.66 -11.98 -10.20
C ALA B 124 19.96 -12.74 -11.30
N ASP B 125 19.15 -12.05 -12.06
CA ASP B 125 18.39 -12.72 -13.15
C ASP B 125 19.38 -13.28 -14.21
N ALA B 126 20.35 -12.48 -14.63
CA ALA B 126 21.31 -12.90 -15.64
C ALA B 126 22.18 -14.05 -15.12
N LEU B 127 22.60 -13.97 -13.87
CA LEU B 127 23.35 -15.08 -13.32
C LEU B 127 22.59 -16.35 -13.19
N HIS B 128 21.31 -16.22 -12.83
CA HIS B 128 20.45 -17.40 -12.73
C HIS B 128 20.31 -18.06 -14.11
N TYR B 129 20.19 -17.22 -15.14
CA TYR B 129 20.13 -17.73 -16.52
C TYR B 129 21.41 -18.47 -16.85
N CYS B 130 22.57 -17.88 -16.53
CA CYS B 130 23.82 -18.55 -16.74
C CYS B 130 23.89 -19.87 -16.00
N HIS B 131 23.54 -19.88 -14.72
CA HIS B 131 23.72 -21.13 -13.94
C HIS B 131 22.79 -22.24 -14.42
N GLU B 132 21.63 -21.90 -14.94
CA GLU B 132 20.76 -22.94 -15.58
C GLU B 132 21.46 -23.66 -16.70
N ARG B 133 22.32 -22.93 -17.41
CA ARG B 133 23.10 -23.43 -18.51
C ARG B 133 24.44 -23.99 -18.16
N LYS B 134 24.67 -24.12 -16.86
CA LYS B 134 25.92 -24.58 -16.26
C LYS B 134 27.09 -23.70 -16.55
N VAL B 135 26.84 -22.39 -16.72
CA VAL B 135 27.86 -21.46 -16.92
C VAL B 135 28.13 -20.71 -15.59
N ILE B 136 29.39 -20.70 -15.15
CA ILE B 136 29.78 -19.89 -14.02
C ILE B 136 30.60 -18.70 -14.54
N HIS B 137 30.27 -17.49 -14.06
CA HIS B 137 30.90 -16.27 -14.58
C HIS B 137 32.31 -16.10 -14.04
N ARG B 138 32.40 -16.18 -12.74
CA ARG B 138 33.67 -16.16 -11.97
C ARG B 138 34.43 -14.83 -11.89
N ASP B 139 33.99 -13.78 -12.53
CA ASP B 139 34.64 -12.48 -12.34
C ASP B 139 33.65 -11.30 -12.39
N ILE B 140 32.55 -11.42 -11.66
CA ILE B 140 31.64 -10.32 -11.54
C ILE B 140 32.29 -9.22 -10.72
N LYS B 141 32.31 -8.02 -11.28
CA LYS B 141 32.89 -6.81 -10.64
C LYS B 141 32.47 -5.62 -11.54
N PRO B 142 32.58 -4.40 -11.00
CA PRO B 142 32.07 -3.28 -11.75
C PRO B 142 32.70 -3.11 -13.14
N GLU B 143 34.00 -3.34 -13.32
CA GLU B 143 34.67 -3.15 -14.59
C GLU B 143 34.19 -4.13 -15.69
N ASN B 144 33.44 -5.15 -15.32
CA ASN B 144 32.98 -6.13 -16.31
C ASN B 144 31.52 -5.93 -16.69
N LEU B 145 31.01 -4.76 -16.30
CA LEU B 145 29.58 -4.45 -16.51
C LEU B 145 29.47 -3.21 -17.37
N LEU B 146 28.57 -3.30 -18.34
CA LEU B 146 28.18 -2.14 -19.18
C LEU B 146 26.71 -1.81 -18.95
N MET B 147 26.27 -0.71 -19.56
CA MET B 147 24.90 -0.24 -19.36
C MET B 147 24.21 0.04 -20.70
N GLY B 148 22.97 -0.44 -20.75
CA GLY B 148 22.05 -0.28 -21.92
C GLY B 148 21.50 1.15 -22.03
N TYR B 149 20.66 1.37 -23.04
CA TYR B 149 20.11 2.69 -23.31
C TYR B 149 19.35 3.28 -22.13
N LYS B 150 18.61 2.46 -21.38
CA LYS B 150 17.88 2.92 -20.21
C LYS B 150 18.63 2.56 -18.95
N GLY B 151 19.94 2.35 -19.07
CA GLY B 151 20.81 2.10 -17.93
C GLY B 151 20.81 0.67 -17.42
N GLU B 152 20.23 -0.23 -18.19
CA GLU B 152 20.13 -1.63 -17.71
C GLU B 152 21.52 -2.25 -17.65
N LEU B 153 21.76 -3.08 -16.64
CA LEU B 153 23.05 -3.77 -16.50
C LEU B 153 23.20 -4.78 -17.61
N LYS B 154 24.42 -4.87 -18.11
CA LYS B 154 24.82 -5.85 -19.13
C LYS B 154 26.11 -6.50 -18.60
N ILE B 155 26.03 -7.76 -18.30
CA ILE B 155 27.25 -8.53 -18.02
C ILE B 155 28.08 -8.66 -19.30
N ALA B 156 29.34 -8.17 -19.32
CA ALA B 156 30.01 -7.85 -20.58
C ALA B 156 31.27 -8.61 -20.93
N ASP B 157 31.94 -9.22 -19.97
CA ASP B 157 33.26 -9.82 -20.17
C ASP B 157 33.13 -11.20 -19.61
N PHE B 158 33.33 -12.22 -20.42
CA PHE B 158 33.24 -13.61 -19.96
C PHE B 158 34.60 -14.30 -20.04
N GLY B 159 35.64 -13.52 -19.91
CA GLY B 159 37.01 -14.02 -20.07
C GLY B 159 37.47 -15.06 -19.03
N TRP B 160 36.83 -15.10 -17.88
CA TRP B 160 37.10 -16.17 -16.90
C TRP B 160 35.95 -17.12 -16.67
N SER B 161 34.90 -17.09 -17.52
CA SER B 161 33.76 -17.90 -17.33
C SER B 161 34.05 -19.32 -17.82
N VAL B 162 33.23 -20.23 -17.37
CA VAL B 162 33.39 -21.62 -17.71
C VAL B 162 32.09 -22.32 -17.81
N HIS B 163 32.00 -23.24 -18.78
CA HIS B 163 30.86 -24.14 -18.85
C HIS B 163 31.25 -25.40 -18.08
N ALA B 164 30.57 -25.66 -16.98
CA ALA B 164 30.97 -26.68 -16.01
C ALA B 164 29.78 -27.63 -15.74
N PRO B 165 29.59 -28.65 -16.60
CA PRO B 165 28.51 -29.56 -16.42
C PRO B 165 28.39 -30.17 -15.06
N SER B 166 29.53 -30.47 -14.40
CA SER B 166 29.57 -30.90 -12.97
C SER B 166 29.43 -29.79 -11.90
N LEU B 167 29.57 -28.57 -12.38
CA LEU B 167 29.61 -27.35 -11.56
C LEU B 167 30.70 -27.45 -10.48
N ARG B 168 31.79 -28.15 -10.73
CA ARG B 168 32.95 -28.10 -9.80
C ARG B 168 34.22 -27.84 -10.60
N ARG B 169 34.97 -26.81 -10.23
CA ARG B 169 36.18 -26.46 -10.95
C ARG B 169 37.22 -26.09 -9.99
N ARG B 170 38.45 -25.94 -10.46
CA ARG B 170 39.54 -25.54 -9.56
C ARG B 170 40.43 -24.40 -10.02
N MET B 172 42.00 -20.97 -10.31
CA MET B 172 42.09 -19.76 -9.53
C MET B 172 41.90 -18.58 -10.48
N CYS B 173 40.80 -17.84 -10.32
CA CYS B 173 40.57 -16.72 -11.21
C CYS B 173 39.63 -15.72 -10.54
N GLY B 174 39.53 -14.57 -11.13
CA GLY B 174 38.78 -13.50 -10.54
C GLY B 174 39.62 -12.28 -10.32
N THR B 175 39.24 -11.52 -9.34
CA THR B 175 39.85 -10.28 -9.03
C THR B 175 39.99 -10.14 -7.52
N LEU B 176 41.19 -9.73 -7.01
CA LEU B 176 41.52 -9.88 -5.59
C LEU B 176 40.40 -9.45 -4.60
N ASP B 177 39.91 -8.22 -4.74
CA ASP B 177 38.94 -7.76 -3.78
C ASP B 177 37.61 -8.55 -3.76
N TYR B 178 37.31 -9.21 -4.84
CA TYR B 178 36.06 -9.89 -5.07
C TYR B 178 36.21 -11.41 -4.82
N LEU B 179 37.42 -11.92 -4.58
CA LEU B 179 37.54 -13.38 -4.55
C LEU B 179 36.77 -14.01 -3.39
N PRO B 180 36.01 -15.09 -3.68
CA PRO B 180 35.35 -15.79 -2.63
C PRO B 180 36.43 -16.48 -1.76
N PRO B 181 36.08 -16.82 -0.52
CA PRO B 181 37.07 -17.50 0.35
C PRO B 181 37.57 -18.81 -0.27
N GLU B 182 36.70 -19.56 -0.95
CA GLU B 182 37.13 -20.84 -1.48
C GLU B 182 38.10 -20.64 -2.63
N MET B 183 38.00 -19.52 -3.35
CA MET B 183 38.97 -19.23 -4.44
C MET B 183 40.29 -18.88 -3.87
N ILE B 184 40.30 -18.00 -2.86
CA ILE B 184 41.54 -17.53 -2.35
C ILE B 184 42.25 -18.62 -1.56
N GLU B 185 41.49 -19.59 -1.02
CA GLU B 185 42.01 -20.73 -0.27
C GLU B 185 42.34 -21.93 -1.14
N GLY B 186 42.09 -21.82 -2.44
CA GLY B 186 42.44 -22.88 -3.40
C GLY B 186 41.65 -24.16 -3.33
N LYS B 187 40.40 -24.08 -2.90
CA LYS B 187 39.48 -25.18 -2.81
C LYS B 187 38.72 -25.38 -4.11
N THR B 188 38.14 -26.57 -4.32
CA THR B 188 37.24 -26.73 -5.42
C THR B 188 36.05 -25.77 -5.25
N HIS B 189 35.63 -25.14 -6.33
CA HIS B 189 34.53 -24.19 -6.26
C HIS B 189 33.44 -24.57 -7.19
N ASP B 190 32.28 -23.93 -7.05
CA ASP B 190 31.10 -24.20 -7.83
C ASP B 190 30.47 -22.86 -8.22
N GLU B 191 29.22 -22.93 -8.69
CA GLU B 191 28.51 -21.74 -9.14
C GLU B 191 28.28 -20.69 -8.04
N LYS B 192 28.43 -21.09 -6.76
CA LYS B 192 28.19 -20.20 -5.65
C LYS B 192 29.28 -19.14 -5.48
N VAL B 193 30.33 -19.26 -6.27
CA VAL B 193 31.32 -18.16 -6.39
C VAL B 193 30.61 -16.90 -6.85
N ASP B 194 29.63 -17.04 -7.77
CA ASP B 194 29.01 -15.86 -8.33
C ASP B 194 28.05 -15.18 -7.30
N LEU B 195 27.50 -15.96 -6.36
CA LEU B 195 26.66 -15.42 -5.27
C LEU B 195 27.51 -14.55 -4.34
N TRP B 196 28.72 -15.04 -3.98
CA TRP B 196 29.64 -14.22 -3.18
C TRP B 196 29.94 -12.92 -3.94
N CYS B 197 30.40 -13.03 -5.19
CA CYS B 197 30.78 -11.84 -5.97
C CYS B 197 29.64 -10.84 -6.09
N ALA B 198 28.43 -11.38 -6.21
CA ALA B 198 27.21 -10.50 -6.22
C ALA B 198 27.03 -9.74 -4.96
N GLY B 199 27.35 -10.32 -3.80
CA GLY B 199 27.30 -9.61 -2.53
C GLY B 199 28.35 -8.53 -2.43
N VAL B 200 29.57 -8.87 -2.93
CA VAL B 200 30.67 -7.87 -2.94
C VAL B 200 30.29 -6.67 -3.82
N LEU B 201 29.69 -6.95 -4.97
CA LEU B 201 29.24 -5.97 -5.92
C LEU B 201 28.16 -5.09 -5.26
N CYS B 202 27.18 -5.68 -4.58
CA CYS B 202 26.11 -4.86 -3.92
C CYS B 202 26.70 -3.90 -2.89
N TYR B 203 27.68 -4.43 -2.12
CA TYR B 203 28.42 -3.58 -1.15
C TYR B 203 29.09 -2.42 -1.87
N GLU B 204 29.83 -2.69 -2.92
CA GLU B 204 30.64 -1.61 -3.58
C GLU B 204 29.72 -0.57 -4.24
N PHE B 205 28.62 -1.03 -4.83
CA PHE B 205 27.66 -0.10 -5.39
C PHE B 205 27.18 0.88 -4.33
N LEU B 206 26.78 0.40 -3.15
CA LEU B 206 26.16 1.24 -2.10
C LEU B 206 27.23 1.95 -1.28
N VAL B 207 28.46 1.41 -1.25
CA VAL B 207 29.46 1.98 -0.34
C VAL B 207 30.53 2.77 -1.07
N GLY B 208 30.88 2.38 -2.30
CA GLY B 208 31.80 3.12 -3.14
C GLY B 208 33.21 2.54 -3.08
N MET B 209 33.42 1.52 -2.25
CA MET B 209 34.64 0.77 -2.17
C MET B 209 34.32 -0.69 -1.83
N PRO B 210 35.15 -1.62 -2.28
CA PRO B 210 34.85 -2.99 -1.88
C PRO B 210 35.07 -3.27 -0.38
N PRO B 211 34.45 -4.30 0.18
CA PRO B 211 34.40 -4.43 1.62
C PRO B 211 35.63 -4.81 2.37
N PHE B 212 36.57 -5.43 1.68
CA PHE B 212 37.76 -5.99 2.35
C PHE B 212 38.97 -5.24 1.88
N ASP B 213 38.81 -4.08 1.30
CA ASP B 213 39.97 -3.19 0.89
C ASP B 213 40.94 -2.96 2.05
N SER B 214 42.23 -3.18 1.80
CA SER B 214 43.25 -3.07 2.81
C SER B 214 44.51 -2.62 2.14
N PRO B 215 45.46 -2.14 2.97
CA PRO B 215 46.71 -1.73 2.35
C PRO B 215 47.51 -2.95 1.86
N SER B 216 47.55 -3.98 2.63
CA SER B 216 48.31 -5.12 2.27
C SER B 216 47.47 -6.25 1.77
N HIS B 217 48.07 -7.05 0.90
CA HIS B 217 47.41 -8.28 0.45
C HIS B 217 47.08 -9.24 1.60
N THR B 218 48.00 -9.38 2.55
CA THR B 218 47.77 -10.35 3.60
C THR B 218 46.55 -9.95 4.43
N GLU B 219 46.32 -8.65 4.58
CA GLU B 219 45.18 -8.16 5.35
C GLU B 219 43.91 -8.41 4.50
N THR B 220 43.97 -8.13 3.21
CA THR B 220 42.76 -8.39 2.34
C THR B 220 42.40 -9.85 2.42
N HIS B 221 43.39 -10.72 2.23
CA HIS B 221 43.13 -12.14 2.36
C HIS B 221 42.49 -12.53 3.70
N ARG B 222 43.06 -12.05 4.82
CA ARG B 222 42.55 -12.29 6.17
C ARG B 222 41.12 -11.81 6.27
N ARG B 223 40.83 -10.61 5.74
CA ARG B 223 39.47 -10.08 5.88
C ARG B 223 38.50 -10.93 5.07
N ILE B 224 38.88 -11.37 3.88
CA ILE B 224 37.97 -12.24 3.05
C ILE B 224 37.67 -13.55 3.77
N VAL B 225 38.71 -14.26 4.24
CA VAL B 225 38.48 -15.57 4.78
C VAL B 225 37.80 -15.53 6.12
N ASN B 226 37.91 -14.41 6.85
CA ASN B 226 37.18 -14.18 8.07
C ASN B 226 35.89 -13.40 7.95
N VAL B 227 35.53 -13.07 6.71
CA VAL B 227 34.36 -12.29 6.37
C VAL B 227 34.25 -11.09 7.33
N ASP B 228 35.31 -10.26 7.33
CA ASP B 228 35.41 -9.19 8.26
C ASP B 228 34.70 -7.94 7.73
N LEU B 229 33.36 -7.96 7.74
CA LEU B 229 32.59 -6.83 7.25
C LEU B 229 32.54 -5.68 8.20
N LYS B 230 32.77 -4.50 7.69
CA LYS B 230 32.63 -3.28 8.50
C LYS B 230 31.63 -2.36 7.75
N PHE B 231 30.33 -2.59 8.00
CA PHE B 231 29.32 -1.86 7.24
C PHE B 231 29.34 -0.39 7.63
N PRO B 232 29.40 0.53 6.67
CA PRO B 232 29.28 1.94 7.07
C PRO B 232 27.94 2.28 7.64
N PRO B 233 27.91 3.27 8.53
CA PRO B 233 26.67 3.61 9.16
C PRO B 233 25.59 4.18 8.26
N PHE B 234 25.95 4.61 7.08
CA PHE B 234 24.98 5.16 6.13
C PHE B 234 24.11 4.13 5.40
N LEU B 235 24.46 2.87 5.54
CA LEU B 235 23.66 1.79 4.89
C LEU B 235 22.39 1.51 5.61
N SER B 236 21.33 1.27 4.81
CA SER B 236 20.09 0.77 5.37
C SER B 236 20.13 -0.60 5.92
N ASP B 237 19.17 -0.86 6.83
CA ASP B 237 19.02 -2.21 7.31
C ASP B 237 18.83 -3.22 6.20
N GLY B 238 17.90 -2.92 5.29
CA GLY B 238 17.67 -3.87 4.20
C GLY B 238 18.87 -4.25 3.33
N SER B 239 19.66 -3.25 2.93
CA SER B 239 20.83 -3.57 2.15
C SER B 239 21.82 -4.38 2.94
N LYS B 240 22.05 -4.02 4.20
CA LYS B 240 22.92 -4.87 5.05
C LYS B 240 22.44 -6.30 5.19
N ASP B 241 21.12 -6.46 5.32
CA ASP B 241 20.56 -7.77 5.35
C ASP B 241 20.93 -8.58 4.10
N LEU B 242 20.72 -8.03 2.91
CA LEU B 242 20.98 -8.72 1.67
C LEU B 242 22.45 -9.11 1.59
N ILE B 243 23.29 -8.14 1.84
CA ILE B 243 24.75 -8.36 1.69
C ILE B 243 25.20 -9.41 2.69
N SER B 244 24.70 -9.36 3.93
N SER B 244 24.70 -9.33 3.93
CA SER B 244 25.12 -10.32 4.98
CA SER B 244 25.08 -10.30 4.99
C SER B 244 24.60 -11.71 4.70
C SER B 244 24.68 -11.70 4.57
N LYS B 245 23.58 -11.82 3.82
CA LYS B 245 23.13 -13.14 3.39
C LYS B 245 23.80 -13.72 2.19
N LEU B 246 24.42 -12.85 1.37
CA LEU B 246 25.27 -13.27 0.25
C LEU B 246 26.71 -13.63 0.63
N LEU B 247 27.28 -12.82 1.51
CA LEU B 247 28.71 -12.93 1.94
C LEU B 247 28.88 -13.94 3.06
N ARG B 248 28.61 -15.17 2.74
CA ARG B 248 28.78 -16.25 3.70
C ARG B 248 29.98 -17.07 3.37
N TYR B 249 30.81 -17.36 4.38
CA TYR B 249 31.99 -18.15 4.11
C TYR B 249 31.65 -19.52 3.46
N HIS B 250 30.68 -20.21 4.07
CA HIS B 250 30.27 -21.57 3.65
C HIS B 250 29.35 -21.42 2.45
N PRO B 251 29.80 -21.85 1.25
CA PRO B 251 29.05 -21.54 0.02
C PRO B 251 27.56 -21.92 0.09
N PRO B 252 27.21 -23.13 0.59
CA PRO B 252 25.77 -23.50 0.53
C PRO B 252 24.85 -22.63 1.39
N GLN B 253 25.39 -21.86 2.33
CA GLN B 253 24.56 -20.89 3.11
C GLN B 253 24.18 -19.66 2.36
N ARG B 254 24.85 -19.37 1.25
CA ARG B 254 24.65 -18.10 0.51
C ARG B 254 23.19 -18.02 -0.05
N LEU B 255 22.58 -16.87 0.11
CA LEU B 255 21.24 -16.65 -0.43
C LEU B 255 21.20 -17.00 -1.93
N PRO B 256 20.22 -17.86 -2.32
CA PRO B 256 20.16 -18.11 -3.75
C PRO B 256 19.75 -16.94 -4.57
N LEU B 257 20.10 -16.98 -5.84
CA LEU B 257 19.80 -15.84 -6.77
C LEU B 257 18.31 -15.55 -6.80
N LYS B 258 17.49 -16.56 -6.77
CA LYS B 258 16.03 -16.32 -6.68
C LYS B 258 15.66 -15.56 -5.37
N GLY B 259 16.40 -15.82 -4.29
CA GLY B 259 16.16 -15.14 -3.04
C GLY B 259 16.60 -13.68 -3.11
N VAL B 260 17.65 -13.41 -3.91
CA VAL B 260 18.07 -12.05 -4.16
C VAL B 260 16.91 -11.29 -4.84
N MET B 261 16.34 -11.89 -5.89
CA MET B 261 15.33 -11.21 -6.70
C MET B 261 14.08 -10.98 -5.87
N GLU B 262 13.79 -11.84 -4.89
CA GLU B 262 12.59 -11.73 -4.03
C GLU B 262 12.91 -11.04 -2.68
N HIS B 263 14.19 -10.68 -2.43
CA HIS B 263 14.54 -10.07 -1.17
C HIS B 263 13.76 -8.74 -0.98
N PRO B 264 13.25 -8.52 0.23
CA PRO B 264 12.39 -7.36 0.39
C PRO B 264 12.98 -6.01 0.04
N TRP B 265 14.27 -5.85 0.26
CA TRP B 265 14.93 -4.63 -0.14
C TRP B 265 15.00 -4.43 -1.66
N VAL B 266 15.25 -5.53 -2.40
CA VAL B 266 15.26 -5.52 -3.82
C VAL B 266 13.86 -5.22 -4.33
N LYS B 267 12.87 -5.89 -3.78
CA LYS B 267 11.48 -5.66 -4.27
C LYS B 267 11.06 -4.23 -4.00
N ALA B 268 11.40 -3.69 -2.84
CA ALA B 268 10.94 -2.34 -2.49
C ALA B 268 11.61 -1.25 -3.35
N ASN B 269 12.88 -1.48 -3.75
CA ASN B 269 13.73 -0.44 -4.37
C ASN B 269 14.05 -0.58 -5.85
N SER B 270 13.90 -1.76 -6.44
CA SER B 270 14.26 -1.96 -7.83
C SER B 270 13.21 -1.20 -8.69
N ARG B 271 13.70 -0.54 -9.70
CA ARG B 271 12.89 0.06 -10.75
C ARG B 271 13.25 -0.52 -12.12
N ARG B 272 13.41 -1.83 -12.18
CA ARG B 272 13.94 -2.45 -13.38
C ARG B 272 12.94 -2.36 -14.55
N VAL B 273 13.48 -2.10 -15.72
CA VAL B 273 12.69 -2.07 -16.97
C VAL B 273 13.25 -3.08 -17.92
N LEU B 274 12.36 -3.89 -18.50
CA LEU B 274 12.81 -4.85 -19.50
C LEU B 274 12.85 -4.14 -20.86
N PRO B 275 13.86 -4.36 -21.69
CA PRO B 275 13.95 -3.72 -22.99
C PRO B 275 12.76 -4.15 -23.85
N PRO B 276 12.29 -3.21 -24.65
CA PRO B 276 11.33 -3.55 -25.69
C PRO B 276 11.80 -4.72 -26.50
N VAL B 277 10.85 -5.51 -26.94
CA VAL B 277 11.17 -6.57 -27.86
C VAL B 277 10.65 -6.18 -29.27
N TYR B 278 11.18 -6.90 -30.28
CA TYR B 278 10.53 -7.04 -31.68
C TYR B 278 11.37 -6.56 -32.86
N ILE C 3 33.45 10.54 -37.29
CA ILE C 3 33.69 11.07 -38.65
C ILE C 3 32.63 10.55 -39.63
N PRO C 4 32.32 9.23 -39.70
CA PRO C 4 31.11 9.05 -40.54
C PRO C 4 29.87 9.73 -39.91
N ALA C 5 28.98 10.33 -40.71
CA ALA C 5 27.88 11.10 -40.12
C ALA C 5 26.94 10.30 -39.23
N TRP C 6 26.69 9.04 -39.57
CA TRP C 6 25.79 8.23 -38.79
C TRP C 6 26.30 8.00 -37.40
N ALA C 7 27.63 8.10 -37.28
CA ALA C 7 28.35 7.88 -36.01
C ALA C 7 28.62 9.20 -35.26
N SER C 8 28.28 10.33 -35.91
CA SER C 8 28.41 11.61 -35.22
C SER C 8 27.44 11.61 -34.05
N GLY C 9 27.89 12.18 -32.92
CA GLY C 9 27.20 12.09 -31.67
C GLY C 9 25.68 12.33 -31.70
N ASN C 10 25.25 13.45 -32.27
CA ASN C 10 23.83 13.76 -32.30
C ASN C 10 23.06 12.85 -33.21
N LEU C 11 23.64 12.39 -34.30
CA LEU C 11 22.89 11.42 -35.16
C LEU C 11 22.84 10.05 -34.48
N LEU C 12 23.95 9.70 -33.89
CA LEU C 12 24.04 8.44 -33.20
C LEU C 12 22.95 8.30 -32.11
N THR C 13 22.76 9.34 -31.28
CA THR C 13 21.87 9.26 -30.10
C THR C 13 20.44 8.95 -30.59
N GLN C 14 20.04 9.61 -31.66
CA GLN C 14 18.69 9.39 -32.21
C GLN C 14 18.55 7.99 -32.77
N ALA C 15 19.58 7.48 -33.47
CA ALA C 15 19.51 6.17 -34.07
C ALA C 15 19.50 5.09 -33.00
N ILE C 16 20.28 5.30 -31.93
CA ILE C 16 20.33 4.37 -30.79
C ILE C 16 18.96 4.30 -30.10
N ARG C 17 18.37 5.46 -29.89
CA ARG C 17 17.02 5.53 -29.33
C ARG C 17 16.06 4.77 -30.12
N GLN C 18 16.01 4.94 -31.44
CA GLN C 18 15.08 4.20 -32.29
C GLN C 18 15.30 2.71 -32.25
N GLN C 19 16.58 2.33 -32.18
CA GLN C 19 16.92 0.95 -32.11
C GLN C 19 16.43 0.28 -30.82
N TYR C 20 16.42 1.00 -29.69
CA TYR C 20 15.97 0.50 -28.45
C TYR C 20 14.45 0.27 -28.53
N TYR C 21 13.75 1.27 -29.05
CA TYR C 21 12.25 1.15 -29.11
C TYR C 21 11.71 0.26 -30.20
N LYS C 22 12.41 0.15 -31.31
CA LYS C 22 11.97 -0.62 -32.47
C LYS C 22 13.07 -1.59 -32.90
N PRO C 23 13.30 -2.62 -32.07
CA PRO C 23 14.42 -3.52 -32.40
C PRO C 23 14.05 -4.49 -33.52
N ILE C 24 15.05 -4.95 -34.28
CA ILE C 24 14.84 -6.00 -35.27
C ILE C 24 14.91 -7.30 -34.49
N ASP C 25 14.49 -8.41 -35.10
CA ASP C 25 14.64 -9.73 -34.53
C ASP C 25 16.07 -10.16 -34.77
N VAL C 26 16.90 -9.90 -33.77
CA VAL C 26 18.32 -10.30 -33.92
C VAL C 26 18.60 -11.80 -33.93
N ASP C 27 17.79 -12.61 -33.25
CA ASP C 27 17.90 -14.07 -33.33
C ASP C 27 17.69 -14.49 -34.78
N ARG C 28 16.69 -13.93 -35.43
CA ARG C 28 16.48 -14.31 -36.82
C ARG C 28 17.53 -13.76 -37.78
N MET C 29 17.85 -12.49 -37.67
CA MET C 29 18.69 -11.83 -38.65
C MET C 29 20.17 -12.10 -38.44
N TYR C 30 20.60 -12.32 -37.20
CA TYR C 30 22.02 -12.61 -36.91
C TYR C 30 22.24 -14.03 -36.37
N GLY C 31 21.32 -14.49 -35.52
CA GLY C 31 21.48 -15.74 -34.81
C GLY C 31 21.33 -16.95 -35.71
N THR C 32 20.54 -16.83 -36.76
CA THR C 32 20.38 -17.98 -37.65
C THR C 32 21.51 -18.15 -38.68
N ILE C 33 22.33 -17.11 -38.87
CA ILE C 33 23.39 -17.11 -39.85
C ILE C 33 24.58 -17.95 -39.41
N ASP C 34 25.11 -18.68 -40.37
CA ASP C 34 26.21 -19.59 -40.10
C ASP C 34 27.41 -18.84 -39.51
N SER C 35 28.17 -19.58 -38.74
CA SER C 35 29.40 -19.11 -38.15
C SER C 35 30.54 -20.08 -38.55
N PRO C 36 31.77 -19.59 -38.58
CA PRO C 36 32.87 -20.52 -38.78
C PRO C 36 33.02 -21.44 -37.59
N LYS C 37 33.40 -22.68 -37.86
CA LYS C 37 33.79 -23.54 -36.76
C LYS C 37 34.90 -22.96 -35.92
N LEU C 38 34.79 -23.12 -34.59
CA LEU C 38 35.81 -22.62 -33.72
C LEU C 38 37.16 -23.19 -34.03
N GLU C 39 37.19 -24.45 -34.46
CA GLU C 39 38.47 -25.11 -34.84
C GLU C 39 39.14 -24.31 -35.97
N GLU C 40 38.35 -23.85 -36.92
CA GLU C 40 38.86 -23.07 -38.06
C GLU C 40 39.45 -21.76 -37.59
N LEU C 41 39.01 -21.18 -36.46
CA LEU C 41 39.56 -19.89 -36.06
C LEU C 41 41.04 -19.92 -35.67
N PHE C 42 41.51 -21.02 -35.13
CA PHE C 42 42.86 -21.07 -34.60
C PHE C 42 43.69 -22.14 -35.32
N ILE D 3 -23.47 32.14 34.54
CA ILE D 3 -23.12 31.56 33.21
C ILE D 3 -21.97 32.37 32.64
N PRO D 4 -20.81 31.75 32.41
CA PRO D 4 -19.78 32.55 31.78
C PRO D 4 -20.22 33.02 30.41
N ALA D 5 -19.58 34.09 29.95
CA ALA D 5 -20.04 34.82 28.78
C ALA D 5 -19.95 33.94 27.52
N TRP D 6 -18.87 33.17 27.38
CA TRP D 6 -18.66 32.30 26.19
C TRP D 6 -19.88 31.40 25.95
N ALA D 7 -20.63 31.11 27.00
CA ALA D 7 -21.66 30.09 26.93
C ALA D 7 -23.08 30.61 26.76
N SER D 8 -23.26 31.85 26.32
CA SER D 8 -24.64 32.36 26.23
C SER D 8 -24.88 33.21 25.00
N GLY D 9 -26.12 33.20 24.53
CA GLY D 9 -26.53 34.03 23.41
C GLY D 9 -25.46 34.13 22.33
N ASN D 10 -24.84 35.30 22.22
CA ASN D 10 -24.16 35.65 20.96
C ASN D 10 -22.74 35.14 20.79
N LEU D 11 -21.96 35.24 21.85
CA LEU D 11 -20.61 34.71 21.87
C LEU D 11 -20.67 33.20 21.58
N LEU D 12 -21.68 32.56 22.13
CA LEU D 12 -21.93 31.12 21.91
C LEU D 12 -22.30 30.86 20.44
N THR D 13 -23.35 31.56 19.95
CA THR D 13 -23.80 31.41 18.57
C THR D 13 -22.62 31.54 17.64
N GLN D 14 -21.91 32.63 17.83
CA GLN D 14 -20.74 32.88 17.04
C GLN D 14 -19.72 31.76 17.11
N ALA D 15 -19.37 31.30 18.30
CA ALA D 15 -18.38 30.21 18.40
C ALA D 15 -18.78 28.83 17.78
N ILE D 16 -20.07 28.53 17.86
CA ILE D 16 -20.63 27.35 17.24
C ILE D 16 -20.49 27.39 15.70
N ARG D 17 -20.83 28.55 15.13
CA ARG D 17 -20.71 28.75 13.67
C ARG D 17 -19.31 28.57 13.26
N GLN D 18 -18.45 29.24 14.02
CA GLN D 18 -17.04 29.17 13.78
C GLN D 18 -16.50 27.76 13.77
N GLN D 19 -16.84 26.99 14.82
CA GLN D 19 -16.57 25.58 14.86
C GLN D 19 -17.12 24.67 13.74
N TYR D 20 -18.33 24.95 13.24
CA TYR D 20 -18.97 24.15 12.17
C TYR D 20 -18.14 24.28 10.91
N TYR D 21 -17.77 25.52 10.58
CA TYR D 21 -16.92 25.80 9.40
C TYR D 21 -15.41 25.61 9.50
N LYS D 22 -14.92 25.46 10.70
CA LYS D 22 -13.50 25.19 10.91
C LYS D 22 -13.36 23.99 11.84
N PRO D 23 -13.74 22.82 11.33
CA PRO D 23 -13.68 21.58 12.12
C PRO D 23 -12.25 21.22 12.51
N ILE D 24 -12.11 20.71 13.69
CA ILE D 24 -10.81 20.36 14.19
C ILE D 24 -10.59 18.89 13.90
N ASP D 25 -9.35 18.45 13.93
CA ASP D 25 -9.02 17.07 13.64
C ASP D 25 -9.35 16.27 14.88
N VAL D 26 -10.64 15.98 15.11
CA VAL D 26 -11.00 15.32 16.36
C VAL D 26 -10.42 13.94 16.51
N ASP D 27 -10.25 13.24 15.40
CA ASP D 27 -9.71 11.85 15.44
C ASP D 27 -8.33 11.85 16.10
N ARG D 28 -7.51 12.82 15.74
CA ARG D 28 -6.18 13.00 16.28
C ARG D 28 -6.24 13.62 17.68
N MET D 29 -6.98 14.72 17.81
CA MET D 29 -6.99 15.54 19.00
C MET D 29 -7.64 14.85 20.22
N TYR D 30 -8.60 13.97 19.94
CA TYR D 30 -9.31 13.24 21.00
C TYR D 30 -9.14 11.74 20.85
N GLY D 31 -9.10 11.25 19.60
CA GLY D 31 -9.06 9.81 19.33
C GLY D 31 -7.70 9.14 19.47
N THR D 32 -6.66 9.93 19.65
CA THR D 32 -5.34 9.37 19.93
C THR D 32 -5.03 9.45 21.42
N ILE D 33 -5.91 10.08 22.18
CA ILE D 33 -5.65 10.32 23.60
C ILE D 33 -6.12 9.07 24.35
N ASP D 34 -5.36 8.69 25.36
CA ASP D 34 -5.68 7.50 26.07
C ASP D 34 -7.03 7.60 26.79
N SER D 35 -7.61 6.44 27.03
CA SER D 35 -8.86 6.39 27.75
C SER D 35 -8.76 5.27 28.78
N PRO D 36 -9.58 5.36 29.86
CA PRO D 36 -9.61 4.28 30.84
C PRO D 36 -10.15 3.03 30.18
N LYS D 37 -9.68 1.89 30.58
CA LYS D 37 -10.28 0.64 30.08
C LYS D 37 -11.72 0.59 30.53
N LEU D 38 -12.61 0.02 29.72
CA LEU D 38 -13.98 -0.03 30.12
C LEU D 38 -14.16 -0.85 31.41
N GLU D 39 -13.35 -1.90 31.57
CA GLU D 39 -13.51 -2.75 32.75
C GLU D 39 -12.98 -2.07 34.01
N GLU D 40 -12.43 -0.87 33.87
CA GLU D 40 -11.89 -0.12 35.01
C GLU D 40 -12.68 1.08 35.38
N LEU D 41 -13.77 1.36 34.65
CA LEU D 41 -14.56 2.53 34.88
C LEU D 41 -15.17 2.58 36.26
N PHE D 42 -15.49 1.44 36.84
CA PHE D 42 -16.16 1.44 38.14
C PHE D 42 -15.19 1.15 39.27
N ASN D 43 -13.92 1.00 38.92
CA ASN D 43 -12.86 0.76 39.86
C ASN D 43 -12.12 2.05 40.23
N LYS D 44 -10.97 1.89 40.83
CA LYS D 44 -10.33 2.96 41.50
C LYS D 44 -9.84 4.06 40.57
N SER D 45 -10.21 5.29 40.89
CA SER D 45 -9.68 6.44 40.19
C SER D 45 -8.36 6.77 40.82
N LYS D 46 -7.31 6.75 40.02
CA LYS D 46 -5.97 7.10 40.50
C LYS D 46 -5.64 8.52 40.07
N PRO D 47 -5.03 9.30 40.97
CA PRO D 47 -4.90 10.71 40.55
C PRO D 47 -3.80 10.87 39.50
N ARG D 48 -3.90 11.94 38.70
CA ARG D 48 -3.01 12.25 37.55
C ARG D 48 -1.53 12.30 37.97
N TYR D 49 -1.30 12.98 39.08
CA TYR D 49 0.08 13.21 39.57
C TYR D 49 0.42 12.41 40.85
N PHE D 50 1.48 11.64 40.76
CA PHE D 50 2.13 11.13 41.93
C PHE D 50 3.65 11.03 41.67
N LYS D 51 4.41 11.98 42.17
CA LYS D 51 5.85 11.82 42.27
C LYS D 51 6.39 12.56 43.50
N ARG D 52 7.55 12.10 43.97
CA ARG D 52 8.20 12.60 45.19
C ARG D 52 9.70 12.70 44.97
#